data_4U8A
# 
_entry.id   4U8A 
# 
_audit_conform.dict_name       mmcif_pdbx.dic 
_audit_conform.dict_version    5.379 
_audit_conform.dict_location   http://mmcif.pdb.org/dictionaries/ascii/mmcif_pdbx.dic 
# 
loop_
_database_2.database_id 
_database_2.database_code 
_database_2.pdbx_database_accession 
_database_2.pdbx_DOI 
PDB   4U8A         pdb_00004u8a 10.2210/pdb4u8a/pdb 
WWPDB D_1000202983 ?            ?                   
# 
loop_
_pdbx_database_related.content_type 
_pdbx_database_related.db_id 
_pdbx_database_related.db_name 
_pdbx_database_related.details 
unspecified 4U8B PDB . 
unspecified 4U8C PDB . 
# 
_pdbx_database_status.status_code                     REL 
_pdbx_database_status.status_code_sf                  REL 
_pdbx_database_status.status_code_mr                  ? 
_pdbx_database_status.entry_id                        4U8A 
_pdbx_database_status.recvd_initial_deposition_date   2014-08-01 
_pdbx_database_status.SG_entry                        N 
_pdbx_database_status.deposit_site                    RCSB 
_pdbx_database_status.process_site                    RCSB 
_pdbx_database_status.status_code_cs                  ? 
_pdbx_database_status.methods_development_category    ? 
_pdbx_database_status.pdb_format_compatible           Y 
_pdbx_database_status.status_code_nmr_data            ? 
# 
loop_
_audit_author.name 
_audit_author.pdbx_ordinal 
'Zhu, W.'      1 
'Oldfield, E.' 2 
# 
_citation.abstract                  ? 
_citation.abstract_id_CAS           ? 
_citation.book_id_ISBN              ? 
_citation.book_publisher            ? 
_citation.book_publisher_city       ? 
_citation.book_title                ? 
_citation.coordinate_linkage        ? 
_citation.country                   US 
_citation.database_id_Medline       ? 
_citation.details                   ? 
_citation.id                        primary 
_citation.journal_abbrev            J.Med.Chem. 
_citation.journal_id_ASTM           JMCMAR 
_citation.journal_id_CSD            0151 
_citation.journal_id_ISSN           0022-2623 
_citation.journal_full              ? 
_citation.journal_issue             ? 
_citation.journal_volume            58 
_citation.language                  ? 
_citation.page_first                1215 
_citation.page_last                 1227 
_citation.title                     'Antibacterial drug leads: DNA and enzyme multitargeting.' 
_citation.year                      2015 
_citation.database_id_CSD           ? 
_citation.pdbx_database_id_DOI      10.1021/jm501449u 
_citation.pdbx_database_id_PubMed   25574764 
_citation.unpublished_flag          ? 
# 
loop_
_citation_author.citation_id 
_citation_author.name 
_citation_author.ordinal 
_citation_author.identifier_ORCID 
primary 'Zhu, W.'      1  ? 
primary 'Wang, Y.'     2  ? 
primary 'Li, K.'       3  ? 
primary 'Gao, J.'      4  ? 
primary 'Huang, C.H.'  5  ? 
primary 'Chen, C.C.'   6  ? 
primary 'Ko, T.P.'     7  ? 
primary 'Zhang, Y.'    8  ? 
primary 'Guo, R.T.'    9  ? 
primary 'Oldfield, E.' 10 ? 
# 
_cell.length_a           25.175 
_cell.length_b           40.144 
_cell.length_c           65.633 
_cell.angle_alpha        90.000 
_cell.angle_beta         90.000 
_cell.angle_gamma        90.000 
_cell.entry_id           4U8A 
_cell.Z_PDB              8 
_cell.pdbx_unique_axis   ? 
# 
_symmetry.entry_id                         4U8A 
_symmetry.cell_setting                     ? 
_symmetry.Int_Tables_number                19 
_symmetry.space_group_name_Hall            ? 
_symmetry.space_group_name_H-M             'P 21 21 21' 
_symmetry.pdbx_full_space_group_name_H-M   ? 
# 
loop_
_entity.id 
_entity.type 
_entity.src_method 
_entity.pdbx_description 
_entity.formula_weight 
_entity.pdbx_number_of_molecules 
_entity.pdbx_ec 
_entity.pdbx_mutation 
_entity.pdbx_fragment 
_entity.details 
1 polymer     syn 
;DNA (5'-D(*CP*GP*CP*GP*AP*AP*TP*TP*CP*GP*CP*G)-3')
;
3663.392 2  ? ? ? ? 
2 non-polymer syn 'MAGNESIUM ION'                                                                   24.305   1  ? ? ? ? 
3 non-polymer syn "N,N'-bis[3-(1,4,5,6-tetrahydropyrimidin-2-yl)phenyl]biphenyl-4,4'-dicarboxamide" 556.657  1  ? ? ? ? 
4 water       nat water                                                                             18.015   30 ? ? ? ? 
# 
_entity_poly.entity_id                      1 
_entity_poly.type                           polydeoxyribonucleotide 
_entity_poly.nstd_linkage                   no 
_entity_poly.nstd_monomer                   no 
_entity_poly.pdbx_seq_one_letter_code       '(DC)(DG)(DC)(DG)(DA)(DA)(DT)(DT)(DC)(DG)(DC)(DG)' 
_entity_poly.pdbx_seq_one_letter_code_can   CGCGAATTCGCG 
_entity_poly.pdbx_strand_id                 A,B 
_entity_poly.pdbx_target_identifier         ? 
# 
loop_
_entity_poly_seq.entity_id 
_entity_poly_seq.num 
_entity_poly_seq.mon_id 
_entity_poly_seq.hetero 
1 1  DC n 
1 2  DG n 
1 3  DC n 
1 4  DG n 
1 5  DA n 
1 6  DA n 
1 7  DT n 
1 8  DT n 
1 9  DC n 
1 10 DG n 
1 11 DC n 
1 12 DG n 
# 
_pdbx_entity_src_syn.entity_id              1 
_pdbx_entity_src_syn.pdbx_src_id            1 
_pdbx_entity_src_syn.pdbx_alt_source_flag   sample 
_pdbx_entity_src_syn.pdbx_beg_seq_num       1 
_pdbx_entity_src_syn.pdbx_end_seq_num       12 
_pdbx_entity_src_syn.organism_scientific    'synthetic construct' 
_pdbx_entity_src_syn.organism_common_name   ? 
_pdbx_entity_src_syn.ncbi_taxonomy_id       32630 
_pdbx_entity_src_syn.details                ? 
# 
_struct_ref.id                         1 
_struct_ref.db_name                    PDB 
_struct_ref.db_code                    4U8A 
_struct_ref.pdbx_db_accession          4U8A 
_struct_ref.entity_id                  1 
_struct_ref.pdbx_seq_one_letter_code   ? 
_struct_ref.pdbx_align_begin           1 
_struct_ref.pdbx_db_isoform            ? 
# 
loop_
_struct_ref_seq.align_id 
_struct_ref_seq.ref_id 
_struct_ref_seq.pdbx_PDB_id_code 
_struct_ref_seq.pdbx_strand_id 
_struct_ref_seq.seq_align_beg 
_struct_ref_seq.pdbx_seq_align_beg_ins_code 
_struct_ref_seq.seq_align_end 
_struct_ref_seq.pdbx_seq_align_end_ins_code 
_struct_ref_seq.pdbx_db_accession 
_struct_ref_seq.db_align_beg 
_struct_ref_seq.pdbx_db_align_beg_ins_code 
_struct_ref_seq.db_align_end 
_struct_ref_seq.pdbx_db_align_end_ins_code 
_struct_ref_seq.pdbx_auth_seq_align_beg 
_struct_ref_seq.pdbx_auth_seq_align_end 
1 1 4U8A A 1 ? 12 ? 4U8A 1  ? 12 ? 1  12 
2 1 4U8A B 1 ? 12 ? 4U8A 13 ? 24 ? 13 24 
# 
loop_
_chem_comp.id 
_chem_comp.type 
_chem_comp.mon_nstd_flag 
_chem_comp.name 
_chem_comp.pdbx_synonyms 
_chem_comp.formula 
_chem_comp.formula_weight 
3EZ non-polymer   . "N,N'-bis[3-(1,4,5,6-tetrahydropyrimidin-2-yl)phenyl]biphenyl-4,4'-dicarboxamide" ? 'C34 H32 N6 O2'   556.657 
DA  'DNA linking' y "2'-DEOXYADENOSINE-5'-MONOPHOSPHATE"                                              ? 'C10 H14 N5 O6 P' 331.222 
DC  'DNA linking' y "2'-DEOXYCYTIDINE-5'-MONOPHOSPHATE"                                               ? 'C9 H14 N3 O7 P'  307.197 
DG  'DNA linking' y "2'-DEOXYGUANOSINE-5'-MONOPHOSPHATE"                                              ? 'C10 H14 N5 O7 P' 347.221 
DT  'DNA linking' y "THYMIDINE-5'-MONOPHOSPHATE"                                                      ? 'C10 H15 N2 O8 P' 322.208 
HOH non-polymer   . WATER                                                                             ? 'H2 O'            18.015  
MG  non-polymer   . 'MAGNESIUM ION'                                                                   ? 'Mg 2'            24.305  
# 
_exptl.absorpt_coefficient_mu     ? 
_exptl.absorpt_correction_T_max   ? 
_exptl.absorpt_correction_T_min   ? 
_exptl.absorpt_correction_type    ? 
_exptl.absorpt_process_details    ? 
_exptl.entry_id                   4U8A 
_exptl.crystals_number            1 
_exptl.details                    ? 
_exptl.method                     'X-RAY DIFFRACTION' 
_exptl.method_details             ? 
# 
_exptl_crystal.colour                      ? 
_exptl_crystal.density_diffrn              ? 
_exptl_crystal.density_Matthews            2.26 
_exptl_crystal.density_method              ? 
_exptl_crystal.density_percent_sol         45.65 
_exptl_crystal.description                 ? 
_exptl_crystal.F_000                       ? 
_exptl_crystal.id                          1 
_exptl_crystal.preparation                 ? 
_exptl_crystal.size_max                    ? 
_exptl_crystal.size_mid                    ? 
_exptl_crystal.size_min                    ? 
_exptl_crystal.size_rad                    ? 
_exptl_crystal.colour_lustre               ? 
_exptl_crystal.colour_modifier             ? 
_exptl_crystal.colour_primary              ? 
_exptl_crystal.density_meas                ? 
_exptl_crystal.density_meas_esd            ? 
_exptl_crystal.density_meas_gt             ? 
_exptl_crystal.density_meas_lt             ? 
_exptl_crystal.density_meas_temp           ? 
_exptl_crystal.density_meas_temp_esd       ? 
_exptl_crystal.density_meas_temp_gt        ? 
_exptl_crystal.density_meas_temp_lt        ? 
_exptl_crystal.pdbx_crystal_image_url      ? 
_exptl_crystal.pdbx_crystal_image_format   ? 
_exptl_crystal.pdbx_mosaicity              ? 
_exptl_crystal.pdbx_mosaicity_esd          ? 
# 
_exptl_crystal_grow.apparatus       ? 
_exptl_crystal_grow.atmosphere      ? 
_exptl_crystal_grow.crystal_id      1 
_exptl_crystal_grow.details         ? 
_exptl_crystal_grow.method          EVAPORATION 
_exptl_crystal_grow.method_ref      ? 
_exptl_crystal_grow.pH              6.9 
_exptl_crystal_grow.pressure        ? 
_exptl_crystal_grow.pressure_esd    ? 
_exptl_crystal_grow.seeding         ? 
_exptl_crystal_grow.seeding_ref     ? 
_exptl_crystal_grow.temp            298 
_exptl_crystal_grow.temp_details    ? 
_exptl_crystal_grow.temp_esd        ? 
_exptl_crystal_grow.time            ? 
_exptl_crystal_grow.pdbx_details    '40 mM sodium cacodylate, pH 6.9, 50 mM Mg(OAc)2, 6 mM spermine-4HCl, 40% MPD' 
_exptl_crystal_grow.pdbx_pH_range   ? 
# 
_diffrn.ambient_environment    ? 
_diffrn.ambient_temp           100 
_diffrn.ambient_temp_details   ? 
_diffrn.ambient_temp_esd       ? 
_diffrn.crystal_id             1 
_diffrn.crystal_support        ? 
_diffrn.crystal_treatment      ? 
_diffrn.details                ? 
_diffrn.id                     1 
_diffrn.ambient_pressure       ? 
_diffrn.ambient_pressure_esd   ? 
_diffrn.ambient_pressure_gt    ? 
_diffrn.ambient_pressure_lt    ? 
_diffrn.ambient_temp_gt        ? 
_diffrn.ambient_temp_lt        ? 
# 
_diffrn_detector.details                      ? 
_diffrn_detector.detector                     CCD 
_diffrn_detector.diffrn_id                    1 
_diffrn_detector.type                         'MARMOSAIC 300 mm CCD' 
_diffrn_detector.area_resol_mean              ? 
_diffrn_detector.dtime                        ? 
_diffrn_detector.pdbx_frames_total            ? 
_diffrn_detector.pdbx_collection_time_total   ? 
_diffrn_detector.pdbx_collection_date         2013-02-28 
# 
_diffrn_radiation.collimation                      ? 
_diffrn_radiation.diffrn_id                        1 
_diffrn_radiation.filter_edge                      ? 
_diffrn_radiation.inhomogeneity                    ? 
_diffrn_radiation.monochromator                    'diamond(111)' 
_diffrn_radiation.polarisn_norm                    ? 
_diffrn_radiation.polarisn_ratio                   ? 
_diffrn_radiation.probe                            ? 
_diffrn_radiation.type                             ? 
_diffrn_radiation.xray_symbol                      ? 
_diffrn_radiation.wavelength_id                    1 
_diffrn_radiation.pdbx_monochromatic_or_laue_m_l   M 
_diffrn_radiation.pdbx_wavelength_list             ? 
_diffrn_radiation.pdbx_wavelength                  ? 
_diffrn_radiation.pdbx_diffrn_protocol             'SINGLE WAVELENGTH' 
_diffrn_radiation.pdbx_analyzer                    ? 
_diffrn_radiation.pdbx_scattering_type             x-ray 
# 
_diffrn_radiation_wavelength.id           1 
_diffrn_radiation_wavelength.wavelength   0.97857 
_diffrn_radiation_wavelength.wt           1.0 
# 
_diffrn_source.current                     ? 
_diffrn_source.details                     ? 
_diffrn_source.diffrn_id                   1 
_diffrn_source.power                       ? 
_diffrn_source.size                        ? 
_diffrn_source.source                      SYNCHROTRON 
_diffrn_source.target                      ? 
_diffrn_source.type                        'APS BEAMLINE 21-ID-G' 
_diffrn_source.voltage                     ? 
_diffrn_source.take-off_angle              ? 
_diffrn_source.pdbx_wavelength_list        0.97857 
_diffrn_source.pdbx_wavelength             ? 
_diffrn_source.pdbx_synchrotron_beamline   21-ID-G 
_diffrn_source.pdbx_synchrotron_site       APS 
# 
_reflns.B_iso_Wilson_estimate            ? 
_reflns.entry_id                         4U8A 
_reflns.data_reduction_details           ? 
_reflns.data_reduction_method            ? 
_reflns.d_resolution_high                1.480 
_reflns.d_resolution_low                 50.000 
_reflns.details                          ? 
_reflns.limit_h_max                      ? 
_reflns.limit_h_min                      ? 
_reflns.limit_k_max                      ? 
_reflns.limit_k_min                      ? 
_reflns.limit_l_max                      ? 
_reflns.limit_l_min                      ? 
_reflns.number_all                       ? 
_reflns.number_obs                       11466 
_reflns.observed_criterion               ? 
_reflns.observed_criterion_F_max         ? 
_reflns.observed_criterion_F_min         ? 
_reflns.observed_criterion_I_max         ? 
_reflns.observed_criterion_I_min         ? 
_reflns.observed_criterion_sigma_F       ? 
_reflns.observed_criterion_sigma_I       ? 
_reflns.percent_possible_obs             98.300 
_reflns.R_free_details                   ? 
_reflns.Rmerge_F_all                     ? 
_reflns.Rmerge_F_obs                     ? 
_reflns.Friedel_coverage                 ? 
_reflns.number_gt                        ? 
_reflns.threshold_expression             ? 
_reflns.pdbx_redundancy                  13.800 
_reflns.pdbx_Rmerge_I_obs                0.050 
_reflns.pdbx_Rmerge_I_all                ? 
_reflns.pdbx_Rsym_value                  ? 
_reflns.pdbx_netI_over_av_sigmaI         44.540 
_reflns.pdbx_netI_over_sigmaI            14.300 
_reflns.pdbx_res_netI_over_av_sigmaI_2   ? 
_reflns.pdbx_res_netI_over_sigmaI_2      ? 
_reflns.pdbx_chi_squared                 1.097 
_reflns.pdbx_scaling_rejects             ? 
_reflns.pdbx_d_res_high_opt              ? 
_reflns.pdbx_d_res_low_opt               ? 
_reflns.pdbx_d_res_opt_method            ? 
_reflns.phase_calculation_details        ? 
_reflns.pdbx_Rrim_I_all                  ? 
_reflns.pdbx_Rpim_I_all                  ? 
_reflns.pdbx_d_opt                       ? 
_reflns.pdbx_number_measured_all         158484 
_reflns.pdbx_diffrn_id                   1 
_reflns.pdbx_ordinal                     1 
_reflns.pdbx_CC_half                     ? 
_reflns.pdbx_R_split                     ? 
# 
loop_
_reflns_shell.d_res_high 
_reflns_shell.d_res_low 
_reflns_shell.meanI_over_sigI_all 
_reflns_shell.meanI_over_sigI_obs 
_reflns_shell.number_measured_all 
_reflns_shell.number_measured_obs 
_reflns_shell.number_possible 
_reflns_shell.number_unique_all 
_reflns_shell.number_unique_obs 
_reflns_shell.percent_possible_all 
_reflns_shell.percent_possible_obs 
_reflns_shell.Rmerge_F_all 
_reflns_shell.Rmerge_F_obs 
_reflns_shell.Rmerge_I_all 
_reflns_shell.Rmerge_I_obs 
_reflns_shell.meanI_over_sigI_gt 
_reflns_shell.meanI_over_uI_all 
_reflns_shell.meanI_over_uI_gt 
_reflns_shell.number_measured_gt 
_reflns_shell.number_unique_gt 
_reflns_shell.percent_possible_gt 
_reflns_shell.Rmerge_F_gt 
_reflns_shell.Rmerge_I_gt 
_reflns_shell.pdbx_redundancy 
_reflns_shell.pdbx_Rsym_value 
_reflns_shell.pdbx_chi_squared 
_reflns_shell.pdbx_netI_over_sigmaI_all 
_reflns_shell.pdbx_netI_over_sigmaI_obs 
_reflns_shell.pdbx_Rrim_I_all 
_reflns_shell.pdbx_Rpim_I_all 
_reflns_shell.pdbx_rejects 
_reflns_shell.pdbx_ordinal 
_reflns_shell.pdbx_diffrn_id 
_reflns_shell.pdbx_CC_half 
_reflns_shell.pdbx_R_split 
1.480 1.510  ? 44.5397 ? ? ? 533 ? 97.100  ? ? ? ? 0.389 ? ? ? ? ? ? ? ? 12.900 ? 0.730 ? ? ? ? 0 1  1 ? ? 
1.510 1.530  ? ?       ? ? ? 557 ? 98.800  ? ? ? ? 0.302 ? ? ? ? ? ? ? ? 13.500 ? 0.767 ? ? ? ? 0 2  1 ? ? 
1.530 1.560  ? ?       ? ? ? 575 ? 99.100  ? ? ? ? 0.267 ? ? ? ? ? ? ? ? 13.800 ? 0.757 ? ? ? ? 0 3  1 ? ? 
1.560 1.590  ? ?       ? ? ? 560 ? 99.600  ? ? ? ? 0.195 ? ? ? ? ? ? ? ? 14.200 ? 0.774 ? ? ? ? 0 4  1 ? ? 
1.590 1.630  ? ?       ? ? ? 557 ? 99.100  ? ? ? ? 0.140 ? ? ? ? ? ? ? ? 14.400 ? 0.795 ? ? ? ? 0 5  1 ? ? 
1.630 1.670  ? ?       ? ? ? 579 ? 99.300  ? ? ? ? 0.107 ? ? ? ? ? ? ? ? 14.400 ? 0.856 ? ? ? ? 0 6  1 ? ? 
1.670 1.710  ? ?       ? ? ? 551 ? 99.500  ? ? ? ? 0.096 ? ? ? ? ? ? ? ? 14.300 ? 0.891 ? ? ? ? 0 7  1 ? ? 
1.710 1.750  ? ?       ? ? ? 598 ? 99.500  ? ? ? ? 0.094 ? ? ? ? ? ? ? ? 14.400 ? 0.960 ? ? ? ? 0 8  1 ? ? 
1.750 1.810  ? ?       ? ? ? 573 ? 99.700  ? ? ? ? 0.089 ? ? ? ? ? ? ? ? 14.300 ? 1.109 ? ? ? ? 0 9  1 ? ? 
1.810 1.860  ? ?       ? ? ? 559 ? 99.600  ? ? ? ? 0.086 ? ? ? ? ? ? ? ? 14.300 ? 1.220 ? ? ? ? 0 10 1 ? ? 
1.860 1.930  ? ?       ? ? ? 585 ? 99.700  ? ? ? ? 0.084 ? ? ? ? ? ? ? ? 14.200 ? 1.274 ? ? ? ? 0 11 1 ? ? 
1.930 2.010  ? ?       ? ? ? 576 ? 99.800  ? ? ? ? 0.073 ? ? ? ? ? ? ? ? 14.300 ? 1.246 ? ? ? ? 0 12 1 ? ? 
2.010 2.100  ? ?       ? ? ? 575 ? 99.800  ? ? ? ? 0.064 ? ? ? ? ? ? ? ? 14.300 ? 1.217 ? ? ? ? 0 13 1 ? ? 
2.100 2.210  ? ?       ? ? ? 578 ? 100.000 ? ? ? ? 0.059 ? ? ? ? ? ? ? ? 14.300 ? 1.196 ? ? ? ? 0 14 1 ? ? 
2.210 2.350  ? ?       ? ? ? 593 ? 100.000 ? ? ? ? 0.058 ? ? ? ? ? ? ? ? 14.100 ? 1.346 ? ? ? ? 0 15 1 ? ? 
2.350 2.530  ? ?       ? ? ? 594 ? 100.000 ? ? ? ? 0.053 ? ? ? ? ? ? ? ? 14.000 ? 1.336 ? ? ? ? 0 16 1 ? ? 
2.530 2.790  ? ?       ? ? ? 593 ? 100.000 ? ? ? ? 0.050 ? ? ? ? ? ? ? ? 13.800 ? 1.500 ? ? ? ? 0 17 1 ? ? 
2.790 3.190  ? ?       ? ? ? 591 ? 98.700  ? ? ? ? 0.044 ? ? ? ? ? ? ? ? 13.500 ? 1.327 ? ? ? ? 0 18 1 ? ? 
3.190 4.020  ? ?       ? ? ? 555 ? 90.500  ? ? ? ? 0.043 ? ? ? ? ? ? ? ? 12.900 ? 1.270 ? ? ? ? 0 19 1 ? ? 
4.020 50.000 ? ?       ? ? ? 584 ? 87.400  ? ? ? ? 0.043 ? ? ? ? ? ? ? ? 10.600 ? 1.349 ? ? ? ? 0 20 1 ? ? 
# 
_refine.aniso_B[1][1]                            0.0000 
_refine.aniso_B[1][2]                            0.0000 
_refine.aniso_B[1][3]                            0.0000 
_refine.aniso_B[2][2]                            -0.0200 
_refine.aniso_B[2][3]                            0.0000 
_refine.aniso_B[3][3]                            0.0200 
_refine.B_iso_max                                67.710 
_refine.B_iso_mean                               27.9350 
_refine.B_iso_min                                16.900 
_refine.correlation_coeff_Fo_to_Fc               0.9380 
_refine.correlation_coeff_Fo_to_Fc_free          0.9060 
_refine.details                                  
'HYDROGENS HAVE BEEN USED IF PRESENT IN THE INPUT U VALUES      : REFINED INDIVIDUALLY' 
_refine.diff_density_max                         ? 
_refine.diff_density_max_esd                     ? 
_refine.diff_density_min                         ? 
_refine.diff_density_min_esd                     ? 
_refine.diff_density_rms                         ? 
_refine.diff_density_rms_esd                     ? 
_refine.entry_id                                 4U8A 
_refine.pdbx_refine_id                           'X-RAY DIFFRACTION' 
_refine.ls_abs_structure_details                 ? 
_refine.ls_abs_structure_Flack                   ? 
_refine.ls_abs_structure_Flack_esd               ? 
_refine.ls_abs_structure_Rogers                  ? 
_refine.ls_abs_structure_Rogers_esd              ? 
_refine.ls_d_res_high                            1.4800 
_refine.ls_d_res_low                             17.1200 
_refine.ls_extinction_coef                       ? 
_refine.ls_extinction_coef_esd                   ? 
_refine.ls_extinction_expression                 ? 
_refine.ls_extinction_method                     ? 
_refine.ls_goodness_of_fit_all                   ? 
_refine.ls_goodness_of_fit_all_esd               ? 
_refine.ls_goodness_of_fit_obs                   ? 
_refine.ls_goodness_of_fit_obs_esd               ? 
_refine.ls_hydrogen_treatment                    ? 
_refine.ls_matrix_type                           ? 
_refine.ls_number_constraints                    ? 
_refine.ls_number_parameters                     ? 
_refine.ls_number_reflns_all                     ? 
_refine.ls_number_reflns_obs                     11430 
_refine.ls_number_reflns_R_free                  548 
_refine.ls_number_reflns_R_work                  10882 
_refine.ls_number_restraints                     ? 
_refine.ls_percent_reflns_obs                    98.2800 
_refine.ls_percent_reflns_R_free                 4.8000 
_refine.ls_R_factor_all                          ? 
_refine.ls_R_factor_obs                          0.2689 
_refine.ls_R_factor_R_free                       0.3221 
_refine.ls_R_factor_R_free_error                 ? 
_refine.ls_R_factor_R_free_error_details         ? 
_refine.ls_R_factor_R_work                       0.2663 
_refine.ls_R_Fsqd_factor_obs                     ? 
_refine.ls_R_I_factor_obs                        ? 
_refine.ls_redundancy_reflns_all                 ? 
_refine.ls_redundancy_reflns_obs                 ? 
_refine.ls_restrained_S_all                      ? 
_refine.ls_restrained_S_obs                      ? 
_refine.ls_shift_over_esd_max                    ? 
_refine.ls_shift_over_esd_mean                   ? 
_refine.ls_structure_factor_coef                 ? 
_refine.ls_weighting_details                     ? 
_refine.ls_weighting_scheme                      ? 
_refine.ls_wR_factor_all                         ? 
_refine.ls_wR_factor_obs                         ? 
_refine.ls_wR_factor_R_free                      ? 
_refine.ls_wR_factor_R_work                      ? 
_refine.occupancy_max                            ? 
_refine.occupancy_min                            ? 
_refine.solvent_model_details                    MASK 
_refine.solvent_model_param_bsol                 ? 
_refine.solvent_model_param_ksol                 ? 
_refine.ls_R_factor_gt                           ? 
_refine.ls_goodness_of_fit_gt                    ? 
_refine.ls_goodness_of_fit_ref                   ? 
_refine.ls_shift_over_su_max                     ? 
_refine.ls_shift_over_su_max_lt                  ? 
_refine.ls_shift_over_su_mean                    ? 
_refine.ls_shift_over_su_mean_lt                 ? 
_refine.pdbx_ls_sigma_I                          ? 
_refine.pdbx_ls_sigma_F                          0.000 
_refine.pdbx_ls_sigma_Fsqd                       ? 
_refine.pdbx_data_cutoff_high_absF               ? 
_refine.pdbx_data_cutoff_high_rms_absF           ? 
_refine.pdbx_data_cutoff_low_absF                ? 
_refine.pdbx_isotropic_thermal_model             ? 
_refine.pdbx_ls_cross_valid_method               THROUGHOUT 
_refine.pdbx_method_to_determine_struct          'MOLECULAR REPLACEMENT' 
_refine.pdbx_starting_model                      436D 
_refine.pdbx_stereochemistry_target_values       'MAXIMUM LIKELIHOOD' 
_refine.pdbx_R_Free_selection_details            RANDOM 
_refine.pdbx_stereochem_target_val_spec_case     ? 
_refine.pdbx_overall_ESU_R                       0.1020 
_refine.pdbx_overall_ESU_R_Free                  0.1100 
_refine.pdbx_solvent_vdw_probe_radii             1.2000 
_refine.pdbx_solvent_ion_probe_radii             0.8000 
_refine.pdbx_solvent_shrinkage_radii             0.8000 
_refine.pdbx_real_space_R                        ? 
_refine.pdbx_density_correlation                 ? 
_refine.pdbx_pd_number_of_powder_patterns        ? 
_refine.pdbx_pd_number_of_points                 ? 
_refine.pdbx_pd_meas_number_of_points            ? 
_refine.pdbx_pd_proc_ls_prof_R_factor            ? 
_refine.pdbx_pd_proc_ls_prof_wR_factor           ? 
_refine.pdbx_pd_Marquardt_correlation_coeff      ? 
_refine.pdbx_pd_Fsqrd_R_factor                   ? 
_refine.pdbx_pd_ls_matrix_band_width             ? 
_refine.pdbx_overall_phase_error                 ? 
_refine.pdbx_overall_SU_R_free_Cruickshank_DPI   ? 
_refine.pdbx_overall_SU_R_free_Blow_DPI          ? 
_refine.pdbx_overall_SU_R_Blow_DPI               ? 
_refine.pdbx_TLS_residual_ADP_flag               ? 
_refine.pdbx_diffrn_id                           1 
_refine.overall_SU_B                             2.0330 
_refine.overall_SU_ML                            0.0750 
_refine.overall_SU_R_Cruickshank_DPI             ? 
_refine.overall_SU_R_free                        ? 
_refine.overall_FOM_free_R_set                   ? 
_refine.overall_FOM_work_R_set                   ? 
# 
_refine_hist.cycle_id                         final 
_refine_hist.pdbx_refine_id                   'X-RAY DIFFRACTION' 
_refine_hist.d_res_high                       1.4800 
_refine_hist.d_res_low                        17.1200 
_refine_hist.pdbx_number_atoms_ligand         43 
_refine_hist.number_atoms_solvent             30 
_refine_hist.number_atoms_total               559 
_refine_hist.pdbx_number_residues_total       24 
_refine_hist.pdbx_B_iso_mean_ligand           46.52 
_refine_hist.pdbx_B_iso_mean_solvent          30.11 
_refine_hist.pdbx_number_atoms_protein        0 
_refine_hist.pdbx_number_atoms_nucleic_acid   486 
# 
loop_
_refine_ls_restr.pdbx_refine_id 
_refine_ls_restr.criterion 
_refine_ls_restr.dev_ideal 
_refine_ls_restr.dev_ideal_target 
_refine_ls_restr.number 
_refine_ls_restr.rejects 
_refine_ls_restr.type 
_refine_ls_restr.weight 
_refine_ls_restr.pdbx_restraint_function 
'X-RAY DIFFRACTION' ? 0.015 0.012 591 ? r_bond_refined_d     ? ? 
'X-RAY DIFFRACTION' ? 2.838 1.469 900 ? r_angle_refined_deg  ? ? 
'X-RAY DIFFRACTION' ? 0.102 0.200 72  ? r_chiral_restr       ? ? 
'X-RAY DIFFRACTION' ? 0.033 0.021 304 ? r_gen_planes_refined ? ? 
# 
_refine_ls_shell.pdbx_refine_id                   'X-RAY DIFFRACTION' 
_refine_ls_shell.d_res_high                       1.48 
_refine_ls_shell.d_res_low                        1.5180 
_refine_ls_shell.number_reflns_all                704 
_refine_ls_shell.number_reflns_obs                ? 
_refine_ls_shell.number_reflns_R_free             32 
_refine_ls_shell.number_reflns_R_work             672 
_refine_ls_shell.percent_reflns_obs               96.9700 
_refine_ls_shell.percent_reflns_R_free            ? 
_refine_ls_shell.R_factor_all                     ? 
_refine_ls_shell.R_factor_obs                     ? 
_refine_ls_shell.R_factor_R_free                  0.4220 
_refine_ls_shell.R_factor_R_free_error            ? 
_refine_ls_shell.R_factor_R_work                  0.3480 
_refine_ls_shell.redundancy_reflns_all            ? 
_refine_ls_shell.redundancy_reflns_obs            ? 
_refine_ls_shell.wR_factor_all                    ? 
_refine_ls_shell.wR_factor_obs                    ? 
_refine_ls_shell.wR_factor_R_free                 ? 
_refine_ls_shell.wR_factor_R_work                 ? 
_refine_ls_shell.pdbx_total_number_of_bins_used   20 
_refine_ls_shell.pdbx_phase_error                 ? 
# 
_struct.entry_id                     4U8A 
_struct.title                        'Crystal structure of D(CGCGAATTCGCG)2 complexed with BPH-1503' 
_struct.pdbx_model_details           ? 
_struct.pdbx_formula_weight          ? 
_struct.pdbx_formula_weight_method   ? 
_struct.pdbx_model_type_details      ? 
_struct.pdbx_CASP_flag               ? 
# 
_struct_keywords.entry_id        4U8A 
_struct_keywords.text            
;Antibacterial Agents, Bisamidines, Minor Groove Binders, Models, Molecular, Nucleic Acid Conformation, Oligodeoxyribonucleotides, DNA-ANTIBIOTIC complex
;
_struct_keywords.pdbx_keywords   DNA/ANTIBIOTIC 
# 
loop_
_struct_asym.id 
_struct_asym.pdbx_blank_PDB_chainid_flag 
_struct_asym.pdbx_modified 
_struct_asym.entity_id 
_struct_asym.details 
A N N 1 ? 
B N N 1 ? 
C N N 2 ? 
D N N 3 ? 
E N N 4 ? 
F N N 4 ? 
# 
loop_
_struct_conn.id 
_struct_conn.conn_type_id 
_struct_conn.pdbx_leaving_atom_flag 
_struct_conn.pdbx_PDB_id 
_struct_conn.ptnr1_label_asym_id 
_struct_conn.ptnr1_label_comp_id 
_struct_conn.ptnr1_label_seq_id 
_struct_conn.ptnr1_label_atom_id 
_struct_conn.pdbx_ptnr1_label_alt_id 
_struct_conn.pdbx_ptnr1_PDB_ins_code 
_struct_conn.pdbx_ptnr1_standard_comp_id 
_struct_conn.ptnr1_symmetry 
_struct_conn.ptnr2_label_asym_id 
_struct_conn.ptnr2_label_comp_id 
_struct_conn.ptnr2_label_seq_id 
_struct_conn.ptnr2_label_atom_id 
_struct_conn.pdbx_ptnr2_label_alt_id 
_struct_conn.pdbx_ptnr2_PDB_ins_code 
_struct_conn.ptnr1_auth_asym_id 
_struct_conn.ptnr1_auth_comp_id 
_struct_conn.ptnr1_auth_seq_id 
_struct_conn.ptnr2_auth_asym_id 
_struct_conn.ptnr2_auth_comp_id 
_struct_conn.ptnr2_auth_seq_id 
_struct_conn.ptnr2_symmetry 
_struct_conn.pdbx_ptnr3_label_atom_id 
_struct_conn.pdbx_ptnr3_label_seq_id 
_struct_conn.pdbx_ptnr3_label_comp_id 
_struct_conn.pdbx_ptnr3_label_asym_id 
_struct_conn.pdbx_ptnr3_label_alt_id 
_struct_conn.pdbx_ptnr3_PDB_ins_code 
_struct_conn.details 
_struct_conn.pdbx_dist_value 
_struct_conn.pdbx_value_order 
_struct_conn.pdbx_role 
metalc1  metalc ? ? C MG .  MG ? ? ? 1_555 E HOH .  O  ? ? A MG 101 A HOH 202 1_555 ? ? ? ? ? ? ?            1.967 ? ? 
metalc2  metalc ? ? C MG .  MG ? ? ? 1_555 E HOH .  O  ? ? A MG 101 A HOH 203 1_555 ? ? ? ? ? ? ?            2.114 ? ? 
metalc3  metalc ? ? C MG .  MG ? ? ? 1_555 E HOH .  O  ? ? A MG 101 A HOH 206 3_655 ? ? ? ? ? ? ?            2.059 ? ? 
metalc4  metalc ? ? C MG .  MG ? ? ? 1_555 E HOH .  O  ? ? A MG 101 A HOH 208 3_655 ? ? ? ? ? ? ?            2.075 ? ? 
metalc5  metalc ? ? C MG .  MG ? ? ? 1_555 E HOH .  O  ? ? A MG 101 A HOH 209 3_655 ? ? ? ? ? ? ?            2.075 ? ? 
metalc6  metalc ? ? C MG .  MG ? ? ? 1_555 F HOH .  O  ? ? A MG 101 B HOH 202 1_555 ? ? ? ? ? ? ?            2.055 ? ? 
hydrog1  hydrog ? ? A DC 1  N3 ? ? ? 1_555 B DG  12 N1 ? ? A DC 1   B DG  24  1_555 ? ? ? ? ? ? WATSON-CRICK ?     ? ? 
hydrog2  hydrog ? ? A DC 1  N4 ? ? ? 1_555 B DG  12 O6 ? ? A DC 1   B DG  24  1_555 ? ? ? ? ? ? WATSON-CRICK ?     ? ? 
hydrog3  hydrog ? ? A DC 1  O2 ? ? ? 1_555 B DG  12 N2 ? ? A DC 1   B DG  24  1_555 ? ? ? ? ? ? WATSON-CRICK ?     ? ? 
hydrog4  hydrog ? ? A DG 2  N1 ? ? ? 1_555 B DC  11 N3 ? ? A DG 2   B DC  23  1_555 ? ? ? ? ? ? WATSON-CRICK ?     ? ? 
hydrog5  hydrog ? ? A DG 2  N2 ? ? ? 1_555 B DC  11 O2 ? ? A DG 2   B DC  23  1_555 ? ? ? ? ? ? WATSON-CRICK ?     ? ? 
hydrog6  hydrog ? ? A DG 2  O6 ? ? ? 1_555 B DC  11 N4 ? ? A DG 2   B DC  23  1_555 ? ? ? ? ? ? WATSON-CRICK ?     ? ? 
hydrog7  hydrog ? ? A DC 3  N3 ? ? ? 1_555 B DG  10 N1 ? ? A DC 3   B DG  22  1_555 ? ? ? ? ? ? WATSON-CRICK ?     ? ? 
hydrog8  hydrog ? ? A DC 3  N4 ? ? ? 1_555 B DG  10 O6 ? ? A DC 3   B DG  22  1_555 ? ? ? ? ? ? WATSON-CRICK ?     ? ? 
hydrog9  hydrog ? ? A DC 3  O2 ? ? ? 1_555 B DG  10 N2 ? ? A DC 3   B DG  22  1_555 ? ? ? ? ? ? WATSON-CRICK ?     ? ? 
hydrog10 hydrog ? ? A DG 4  N1 ? ? ? 1_555 B DC  9  N3 ? ? A DG 4   B DC  21  1_555 ? ? ? ? ? ? WATSON-CRICK ?     ? ? 
hydrog11 hydrog ? ? A DG 4  N2 ? ? ? 1_555 B DC  9  O2 ? ? A DG 4   B DC  21  1_555 ? ? ? ? ? ? WATSON-CRICK ?     ? ? 
hydrog12 hydrog ? ? A DG 4  O6 ? ? ? 1_555 B DC  9  N4 ? ? A DG 4   B DC  21  1_555 ? ? ? ? ? ? WATSON-CRICK ?     ? ? 
hydrog13 hydrog ? ? A DA 5  N1 ? ? ? 1_555 B DT  8  N3 ? ? A DA 5   B DT  20  1_555 ? ? ? ? ? ? WATSON-CRICK ?     ? ? 
hydrog14 hydrog ? ? A DA 5  N6 ? ? ? 1_555 B DT  8  O4 ? ? A DA 5   B DT  20  1_555 ? ? ? ? ? ? WATSON-CRICK ?     ? ? 
hydrog15 hydrog ? ? A DA 6  N1 ? ? ? 1_555 B DT  7  N3 ? ? A DA 6   B DT  19  1_555 ? ? ? ? ? ? WATSON-CRICK ?     ? ? 
hydrog16 hydrog ? ? A DA 6  N6 ? ? ? 1_555 B DT  7  O4 ? ? A DA 6   B DT  19  1_555 ? ? ? ? ? ? WATSON-CRICK ?     ? ? 
hydrog17 hydrog ? ? A DT 7  N3 ? ? ? 1_555 B DA  6  N1 ? ? A DT 7   B DA  18  1_555 ? ? ? ? ? ? WATSON-CRICK ?     ? ? 
hydrog18 hydrog ? ? A DT 7  O4 ? ? ? 1_555 B DA  6  N6 ? ? A DT 7   B DA  18  1_555 ? ? ? ? ? ? WATSON-CRICK ?     ? ? 
hydrog19 hydrog ? ? A DT 8  N3 ? ? ? 1_555 B DA  5  N1 ? ? A DT 8   B DA  17  1_555 ? ? ? ? ? ? WATSON-CRICK ?     ? ? 
hydrog20 hydrog ? ? A DT 8  O4 ? ? ? 1_555 B DA  5  N6 ? ? A DT 8   B DA  17  1_555 ? ? ? ? ? ? WATSON-CRICK ?     ? ? 
hydrog21 hydrog ? ? A DC 9  N3 ? ? ? 1_555 B DG  4  N1 ? ? A DC 9   B DG  16  1_555 ? ? ? ? ? ? WATSON-CRICK ?     ? ? 
hydrog22 hydrog ? ? A DC 9  N4 ? ? ? 1_555 B DG  4  O6 ? ? A DC 9   B DG  16  1_555 ? ? ? ? ? ? WATSON-CRICK ?     ? ? 
hydrog23 hydrog ? ? A DC 9  O2 ? ? ? 1_555 B DG  4  N2 ? ? A DC 9   B DG  16  1_555 ? ? ? ? ? ? WATSON-CRICK ?     ? ? 
hydrog24 hydrog ? ? A DG 10 N1 ? ? ? 1_555 B DC  3  N3 ? ? A DG 10  B DC  15  1_555 ? ? ? ? ? ? WATSON-CRICK ?     ? ? 
hydrog25 hydrog ? ? A DG 10 N2 ? ? ? 1_555 B DC  3  O2 ? ? A DG 10  B DC  15  1_555 ? ? ? ? ? ? WATSON-CRICK ?     ? ? 
hydrog26 hydrog ? ? A DG 10 O6 ? ? ? 1_555 B DC  3  N4 ? ? A DG 10  B DC  15  1_555 ? ? ? ? ? ? WATSON-CRICK ?     ? ? 
hydrog27 hydrog ? ? A DC 11 N3 ? ? ? 1_555 B DG  2  N1 ? ? A DC 11  B DG  14  1_555 ? ? ? ? ? ? WATSON-CRICK ?     ? ? 
hydrog28 hydrog ? ? A DC 11 N4 ? ? ? 1_555 B DG  2  O6 ? ? A DC 11  B DG  14  1_555 ? ? ? ? ? ? WATSON-CRICK ?     ? ? 
hydrog29 hydrog ? ? A DC 11 O2 ? ? ? 1_555 B DG  2  N2 ? ? A DC 11  B DG  14  1_555 ? ? ? ? ? ? WATSON-CRICK ?     ? ? 
hydrog30 hydrog ? ? A DG 12 N1 ? ? ? 1_555 B DC  1  N3 ? ? A DG 12  B DC  13  1_555 ? ? ? ? ? ? WATSON-CRICK ?     ? ? 
hydrog31 hydrog ? ? A DG 12 N2 ? ? ? 1_555 B DC  1  O2 ? ? A DG 12  B DC  13  1_555 ? ? ? ? ? ? WATSON-CRICK ?     ? ? 
hydrog32 hydrog ? ? A DG 12 O6 ? ? ? 1_555 B DC  1  N4 ? ? A DG 12  B DC  13  1_555 ? ? ? ? ? ? WATSON-CRICK ?     ? ? 
# 
loop_
_struct_conn_type.id 
_struct_conn_type.criteria 
_struct_conn_type.reference 
metalc ? ? 
hydrog ? ? 
# 
loop_
_struct_site.id 
_struct_site.pdbx_evidence_code 
_struct_site.pdbx_auth_asym_id 
_struct_site.pdbx_auth_comp_id 
_struct_site.pdbx_auth_seq_id 
_struct_site.pdbx_auth_ins_code 
_struct_site.pdbx_num_residues 
_struct_site.details 
AC1 Software A MG  101 ? 6  'binding site for residue MG A 101'  
AC2 Software B 3EZ 101 ? 11 'binding site for residue 3EZ B 101' 
# 
loop_
_struct_site_gen.id 
_struct_site_gen.site_id 
_struct_site_gen.pdbx_num_res 
_struct_site_gen.label_comp_id 
_struct_site_gen.label_asym_id 
_struct_site_gen.label_seq_id 
_struct_site_gen.pdbx_auth_ins_code 
_struct_site_gen.auth_comp_id 
_struct_site_gen.auth_asym_id 
_struct_site_gen.auth_seq_id 
_struct_site_gen.label_atom_id 
_struct_site_gen.label_alt_id 
_struct_site_gen.symmetry 
_struct_site_gen.details 
1  AC1 6  HOH E .  ? HOH A 202 . ? 1_555 ? 
2  AC1 6  HOH E .  ? HOH A 203 . ? 1_555 ? 
3  AC1 6  HOH E .  ? HOH A 206 . ? 3_655 ? 
4  AC1 6  HOH E .  ? HOH A 208 . ? 3_655 ? 
5  AC1 6  HOH E .  ? HOH A 209 . ? 3_655 ? 
6  AC1 6  HOH F .  ? HOH B 202 . ? 1_555 ? 
7  AC2 11 DA  A 6  ? DA  A 6   . ? 1_555 ? 
8  AC2 11 DT  A 7  ? DT  A 7   . ? 1_555 ? 
9  AC2 11 DT  A 8  ? DT  A 8   . ? 1_555 ? 
10 AC2 11 DC  A 9  ? DC  A 9   . ? 1_555 ? 
11 AC2 11 DG  B 4  ? DG  B 16  . ? 1_555 ? 
12 AC2 11 DA  B 5  ? DA  B 17  . ? 1_555 ? 
13 AC2 11 DA  B 6  ? DA  B 18  . ? 1_555 ? 
14 AC2 11 DT  B 7  ? DT  B 19  . ? 1_555 ? 
15 AC2 11 DT  B 8  ? DT  B 20  . ? 1_555 ? 
16 AC2 11 DC  B 9  ? DC  B 21  . ? 1_555 ? 
17 AC2 11 DG  B 10 ? DG  B 22  . ? 1_555 ? 
# 
_atom_sites.entry_id                    4U8A 
_atom_sites.fract_transf_matrix[1][1]   0.01515222 
_atom_sites.fract_transf_matrix[1][2]   0.00942333 
_atom_sites.fract_transf_matrix[1][3]   0.03548871 
_atom_sites.fract_transf_matrix[2][1]   -0.00059107 
_atom_sites.fract_transf_matrix[2][2]   0.02413037 
_atom_sites.fract_transf_matrix[2][3]   -0.00615498 
_atom_sites.fract_transf_matrix[3][1]   -0.01407932 
_atom_sites.fract_transf_matrix[3][2]   0.00111305 
_atom_sites.fract_transf_matrix[3][3]   0.00571574 
_atom_sites.fract_transf_vector[1]      0.423437 
_atom_sites.fract_transf_vector[2]      0.022146 
_atom_sites.fract_transf_vector[3]      0.364132 
# 
loop_
_atom_type.symbol 
C  
MG 
N  
O  
P  
# 
loop_
_atom_site.group_PDB 
_atom_site.id 
_atom_site.type_symbol 
_atom_site.label_atom_id 
_atom_site.label_alt_id 
_atom_site.label_comp_id 
_atom_site.label_asym_id 
_atom_site.label_entity_id 
_atom_site.label_seq_id 
_atom_site.pdbx_PDB_ins_code 
_atom_site.Cartn_x 
_atom_site.Cartn_y 
_atom_site.Cartn_z 
_atom_site.occupancy 
_atom_site.B_iso_or_equiv 
_atom_site.pdbx_formal_charge 
_atom_site.auth_seq_id 
_atom_site.auth_comp_id 
_atom_site.auth_asym_id 
_atom_site.auth_atom_id 
_atom_site.pdbx_PDB_model_num 
ATOM   1   O  "O5'" . DC  A 1 1  ? 11.039  10.849  -14.204 1.00 27.67 ? 1   DC  A "O5'" 1 
ATOM   2   C  "C5'" . DC  A 1 1  ? 11.720  9.945   -13.342 1.00 23.41 ? 1   DC  A "C5'" 1 
ATOM   3   C  "C4'" . DC  A 1 1  ? 11.441  8.556   -13.860 1.00 21.81 ? 1   DC  A "C4'" 1 
ATOM   4   O  "O4'" . DC  A 1 1  ? 12.266  7.627   -13.141 1.00 22.44 ? 1   DC  A "O4'" 1 
ATOM   5   C  "C3'" . DC  A 1 1  ? 10.009  8.084   -13.673 1.00 25.64 ? 1   DC  A "C3'" 1 
ATOM   6   O  "O3'" . DC  A 1 1  ? 9.695   7.261   -14.812 1.00 28.20 ? 1   DC  A "O3'" 1 
ATOM   7   C  "C2'" . DC  A 1 1  ? 10.066  7.241   -12.415 1.00 24.91 ? 1   DC  A "C2'" 1 
ATOM   8   C  "C1'" . DC  A 1 1  ? 11.461  6.633   -12.523 1.00 21.19 ? 1   DC  A "C1'" 1 
ATOM   9   N  N1    . DC  A 1 1  ? 12.146  6.267   -11.277 1.00 18.08 ? 1   DC  A N1    1 
ATOM   10  C  C2    . DC  A 1 1  ? 12.828  5.034   -11.237 1.00 21.49 ? 1   DC  A C2    1 
ATOM   11  O  O2    . DC  A 1 1  ? 12.755  4.273   -12.222 1.00 22.48 ? 1   DC  A O2    1 
ATOM   12  N  N3    . DC  A 1 1  ? 13.583  4.738   -10.175 1.00 18.93 ? 1   DC  A N3    1 
ATOM   13  C  C4    . DC  A 1 1  ? 13.641  5.592   -9.140  1.00 19.91 ? 1   DC  A C4    1 
ATOM   14  N  N4    . DC  A 1 1  ? 14.351  5.231   -8.063  1.00 20.36 ? 1   DC  A N4    1 
ATOM   15  C  C5    . DC  A 1 1  ? 12.963  6.838   -9.156  1.00 19.67 ? 1   DC  A C5    1 
ATOM   16  C  C6    . DC  A 1 1  ? 12.256  7.148   -10.236 1.00 20.30 ? 1   DC  A C6    1 
ATOM   17  P  P     . DG  A 1 2  ? 8.149   6.847   -15.032 1.00 33.24 ? 2   DG  A P     1 
ATOM   18  O  OP1   . DG  A 1 2  ? 7.937   6.866   -16.511 1.00 37.67 ? 2   DG  A OP1   1 
ATOM   19  O  OP2   . DG  A 1 2  ? 7.244   7.529   -14.165 1.00 28.79 ? 2   DG  A OP2   1 
ATOM   20  O  "O5'" . DG  A 1 2  ? 8.002   5.337   -14.570 1.00 28.39 ? 2   DG  A "O5'" 1 
ATOM   21  C  "C5'" . DG  A 1 2  ? 8.826   4.326   -15.142 1.00 27.61 ? 2   DG  A "C5'" 1 
ATOM   22  C  "C4'" . DG  A 1 2  ? 8.405   3.013   -14.535 1.00 25.39 ? 2   DG  A "C4'" 1 
ATOM   23  O  "O4'" . DG  A 1 2  ? 9.212   2.793   -13.340 1.00 27.84 ? 2   DG  A "O4'" 1 
ATOM   24  C  "C3'" . DG  A 1 2  ? 6.947   2.924   -14.088 1.00 27.36 ? 2   DG  A "C3'" 1 
ATOM   25  O  "O3'" . DG  A 1 2  ? 6.555   1.644   -14.629 1.00 34.31 ? 2   DG  A "O3'" 1 
ATOM   26  C  "C2'" . DG  A 1 2  ? 7.008   3.113   -12.584 1.00 24.30 ? 2   DG  A "C2'" 1 
ATOM   27  C  "C1'" . DG  A 1 2  ? 8.359   2.487   -12.238 1.00 22.46 ? 2   DG  A "C1'" 1 
ATOM   28  N  N9    . DG  A 1 2  ? 8.999   3.022   -11.038 1.00 20.77 ? 2   DG  A N9    1 
ATOM   29  C  C8    . DG  A 1 2  ? 8.937   4.295   -10.527 1.00 21.18 ? 2   DG  A C8    1 
ATOM   30  N  N7    . DG  A 1 2  ? 9.640   4.441   -9.436  1.00 20.40 ? 2   DG  A N7    1 
ATOM   31  C  C5    . DG  A 1 2  ? 10.315  3.230   -9.302  1.00 18.74 ? 2   DG  A C5    1 
ATOM   32  C  C6    . DG  A 1 2  ? 11.260  2.803   -8.330  1.00 17.84 ? 2   DG  A C6    1 
ATOM   33  O  O6    . DG  A 1 2  ? 11.772  3.473   -7.400  1.00 19.76 ? 2   DG  A O6    1 
ATOM   34  N  N1    . DG  A 1 2  ? 11.691  1.502   -8.560  1.00 17.85 ? 2   DG  A N1    1 
ATOM   35  C  C2    . DG  A 1 2  ? 11.206  0.675   -9.560  1.00 18.68 ? 2   DG  A C2    1 
ATOM   36  N  N2    . DG  A 1 2  ? 11.729  -0.554  -9.633  1.00 20.17 ? 2   DG  A N2    1 
ATOM   37  N  N3    . DG  A 1 2  ? 10.334  1.070   -10.476 1.00 19.41 ? 2   DG  A N3    1 
ATOM   38  C  C4    . DG  A 1 2  ? 9.959   2.358   -10.310 1.00 20.29 ? 2   DG  A C4    1 
ATOM   39  P  P     . DC  A 1 3  ? 5.071   1.129   -14.683 1.00 28.55 ? 3   DC  A P     1 
ATOM   40  O  OP1   . DC  A 1 3  ? 4.834   0.732   -16.059 1.00 34.77 ? 3   DC  A OP1   1 
ATOM   41  O  OP2   . DC  A 1 3  ? 4.130   2.002   -13.994 1.00 36.72 ? 3   DC  A OP2   1 
ATOM   42  O  "O5'" . DC  A 1 3  ? 5.167   -0.164  -13.784 1.00 27.89 ? 3   DC  A "O5'" 1 
ATOM   43  C  "C5'" . DC  A 1 3  ? 6.224   -1.139  -14.001 1.00 26.79 ? 3   DC  A "C5'" 1 
ATOM   44  C  "C4'" . DC  A 1 3  ? 6.597   -1.856  -12.720 1.00 21.83 ? 3   DC  A "C4'" 1 
ATOM   45  O  "O4'" . DC  A 1 3  ? 7.308   -0.952  -11.856 1.00 23.05 ? 3   DC  A "O4'" 1 
ATOM   46  C  "C3'" . DC  A 1 3  ? 5.372   -2.257  -11.908 1.00 25.83 ? 3   DC  A "C3'" 1 
ATOM   47  O  "O3'" . DC  A 1 3  ? 4.955   -3.552  -12.300 1.00 32.38 ? 3   DC  A "O3'" 1 
ATOM   48  C  "C2'" . DC  A 1 3  ? 5.921   -2.321  -10.492 1.00 27.86 ? 3   DC  A "C2'" 1 
ATOM   49  C  "C1'" . DC  A 1 3  ? 7.157   -1.428  -10.512 1.00 25.10 ? 3   DC  A "C1'" 1 
ATOM   50  N  N1    . DC  A 1 3  ? 7.071   -0.244  -9.650  1.00 22.10 ? 3   DC  A N1    1 
ATOM   51  C  C2    . DC  A 1 3  ? 7.921   -0.183  -8.548  1.00 18.38 ? 3   DC  A C2    1 
ATOM   52  O  O2    . DC  A 1 3  ? 8.643   -1.158  -8.294  1.00 21.21 ? 3   DC  A O2    1 
ATOM   53  N  N3    . DC  A 1 3  ? 7.950   0.958   -7.799  1.00 19.28 ? 3   DC  A N3    1 
ATOM   54  C  C4    . DC  A 1 3  ? 7.144   1.978   -8.104  1.00 18.43 ? 3   DC  A C4    1 
ATOM   55  N  N4    . DC  A 1 3  ? 7.218   3.099   -7.356  1.00 22.93 ? 3   DC  A N4    1 
ATOM   56  C  C5    . DC  A 1 3  ? 6.217   1.909   -9.189  1.00 22.03 ? 3   DC  A C5    1 
ATOM   57  C  C6    . DC  A 1 3  ? 6.233   0.796   -9.941  1.00 22.76 ? 3   DC  A C6    1 
ATOM   58  P  P     . DG  A 1 4  ? 3.746   -4.381  -11.651 1.00 33.15 ? 4   DG  A P     1 
ATOM   59  O  OP1   . DG  A 1 4  ? 3.316   -5.435  -12.613 1.00 40.82 ? 4   DG  A OP1   1 
ATOM   60  O  OP2   . DG  A 1 4  ? 2.765   -3.429  -11.152 1.00 31.21 ? 4   DG  A OP2   1 
ATOM   61  O  "O5'" . DG  A 1 4  ? 4.402   -5.116  -10.419 1.00 29.76 ? 4   DG  A "O5'" 1 
ATOM   62  C  "C5'" . DG  A 1 4  ? 5.509   -6.004  -10.449 1.00 28.69 ? 4   DG  A "C5'" 1 
ATOM   63  C  "C4'" . DG  A 1 4  ? 5.846   -6.341  -9.021  1.00 30.95 ? 4   DG  A "C4'" 1 
ATOM   64  O  "O4'" . DG  A 1 4  ? 6.266   -5.175  -8.267  1.00 31.39 ? 4   DG  A "O4'" 1 
ATOM   65  C  "C3'" . DG  A 1 4  ? 4.667   -6.932  -8.240  1.00 33.71 ? 4   DG  A "C3'" 1 
ATOM   66  O  "O3'" . DG  A 1 4  ? 5.243   -7.888  -7.386  1.00 34.43 ? 4   DG  A "O3'" 1 
ATOM   67  C  "C2'" . DG  A 1 4  ? 4.143   -5.767  -7.423  1.00 28.58 ? 4   DG  A "C2'" 1 
ATOM   68  C  "C1'" . DG  A 1 4  ? 5.388   -4.946  -7.157  1.00 27.30 ? 4   DG  A "C1'" 1 
ATOM   69  N  N9    . DG  A 1 4  ? 5.152   -3.520  -7.028  1.00 23.36 ? 4   DG  A N9    1 
ATOM   70  C  C8    . DG  A 1 4  ? 4.234   -2.756  -7.705  1.00 24.30 ? 4   DG  A C8    1 
ATOM   71  N  N7    . DG  A 1 4  ? 4.282   -1.495  -7.394  1.00 23.30 ? 4   DG  A N7    1 
ATOM   72  C  C5    . DG  A 1 4  ? 5.245   -1.427  -6.398  1.00 19.33 ? 4   DG  A C5    1 
ATOM   73  C  C6    . DG  A 1 4  ? 5.725   -0.310  -5.662  1.00 21.23 ? 4   DG  A C6    1 
ATOM   74  O  O6    . DG  A 1 4  ? 5.363   0.861   -5.723  1.00 22.74 ? 4   DG  A O6    1 
ATOM   75  N  N1    . DG  A 1 4  ? 6.721   -0.685  -4.772  1.00 19.30 ? 4   DG  A N1    1 
ATOM   76  C  C2    . DG  A 1 4  ? 7.218   -1.956  -4.624  1.00 23.43 ? 4   DG  A C2    1 
ATOM   77  N  N2    . DG  A 1 4  ? 8.178   -2.120  -3.717  1.00 24.56 ? 4   DG  A N2    1 
ATOM   78  N  N3    . DG  A 1 4  ? 6.826   -2.997  -5.355  1.00 23.23 ? 4   DG  A N3    1 
ATOM   79  C  C4    . DG  A 1 4  ? 5.803   -2.667  -6.173  1.00 22.94 ? 4   DG  A C4    1 
ATOM   80  P  P     . DA  A 1 5  ? 4.375   -8.849  -6.383  1.00 34.91 ? 5   DA  A P     1 
ATOM   81  O  OP1   . DA  A 1 5  ? 4.964   -10.143 -6.725  1.00 41.67 ? 5   DA  A OP1   1 
ATOM   82  O  OP2   . DA  A 1 5  ? 2.930   -8.544  -6.534  1.00 37.98 ? 5   DA  A OP2   1 
ATOM   83  O  "O5'" . DA  A 1 5  ? 4.873   -8.362  -4.944  1.00 30.46 ? 5   DA  A "O5'" 1 
ATOM   84  C  "C5'" . DA  A 1 5  ? 6.205   -8.635  -4.536  1.00 30.08 ? 5   DA  A "C5'" 1 
ATOM   85  C  "C4'" . DA  A 1 5  ? 6.529   -7.894  -3.266  1.00 32.54 ? 5   DA  A "C4'" 1 
ATOM   86  O  "O4'" . DA  A 1 5  ? 6.191   -6.495  -3.411  1.00 30.18 ? 5   DA  A "O4'" 1 
ATOM   87  C  "C3'" . DA  A 1 5  ? 5.753   -8.413  -2.047  1.00 30.16 ? 5   DA  A "C3'" 1 
ATOM   88  O  "O3'" . DA  A 1 5  ? 6.653   -8.588  -0.959  1.00 29.51 ? 5   DA  A "O3'" 1 
ATOM   89  C  "C2'" . DA  A 1 5  ? 4.775   -7.292  -1.736  1.00 26.21 ? 5   DA  A "C2'" 1 
ATOM   90  C  "C1'" . DA  A 1 5  ? 5.433   -6.037  -2.309  1.00 31.75 ? 5   DA  A "C1'" 1 
ATOM   91  N  N9    . DA  A 1 5  ? 4.593   -4.946  -2.810  1.00 24.38 ? 5   DA  A N9    1 
ATOM   92  C  C8    . DA  A 1 5  ? 3.656   -5.044  -3.802  1.00 26.39 ? 5   DA  A C8    1 
ATOM   93  N  N7    . DA  A 1 5  ? 3.141   -3.901  -4.159  1.00 24.24 ? 5   DA  A N7    1 
ATOM   94  C  C5    . DA  A 1 5  ? 3.783   -2.975  -3.350  1.00 22.94 ? 5   DA  A C5    1 
ATOM   95  C  C6    . DA  A 1 5  ? 3.663   -1.569  -3.219  1.00 22.25 ? 5   DA  A C6    1 
ATOM   96  N  N6    . DA  A 1 5  ? 2.854   -0.811  -3.943  1.00 22.89 ? 5   DA  A N6    1 
ATOM   97  N  N1    . DA  A 1 5  ? 4.435   -0.958  -2.291  1.00 20.83 ? 5   DA  A N1    1 
ATOM   98  C  C2    . DA  A 1 5  ? 5.294   -1.694  -1.596  1.00 22.45 ? 5   DA  A C2    1 
ATOM   99  N  N3    . DA  A 1 5  ? 5.495   -3.016  -1.614  1.00 23.87 ? 5   DA  A N3    1 
ATOM   100 C  C4    . DA  A 1 5  ? 4.717   -3.602  -2.546  1.00 23.05 ? 5   DA  A C4    1 
ATOM   101 P  P     . DA  A 1 6  ? 6.154   -9.025  0.506   1.00 32.37 ? 6   DA  A P     1 
ATOM   102 O  OP1   . DA  A 1 6  ? 7.370   -9.691  1.148   1.00 29.66 ? 6   DA  A OP1   1 
ATOM   103 O  OP2   . DA  A 1 6  ? 4.910   -9.747  0.361   1.00 32.60 ? 6   DA  A OP2   1 
ATOM   104 O  "O5'" . DA  A 1 6  ? 5.837   -7.668  1.306   1.00 26.64 ? 6   DA  A "O5'" 1 
ATOM   105 C  "C5'" . DA  A 1 6  ? 6.865   -6.745  1.627   1.00 24.89 ? 6   DA  A "C5'" 1 
ATOM   106 C  "C4'" . DA  A 1 6  ? 6.334   -5.602  2.456   1.00 23.36 ? 6   DA  A "C4'" 1 
ATOM   107 O  "O4'" . DA  A 1 6  ? 5.581   -4.713  1.613   1.00 22.22 ? 6   DA  A "O4'" 1 
ATOM   108 C  "C3'" . DA  A 1 6  ? 5.406   -6.036  3.578   1.00 20.98 ? 6   DA  A "C3'" 1 
ATOM   109 O  "O3'" . DA  A 1 6  ? 5.979   -5.491  4.775   1.00 22.92 ? 6   DA  A "O3'" 1 
ATOM   110 C  "C2'" . DA  A 1 6  ? 4.054   -5.478  3.154   1.00 22.50 ? 6   DA  A "C2'" 1 
ATOM   111 C  "C1'" . DA  A 1 6  ? 4.401   -4.290  2.269   1.00 20.01 ? 6   DA  A "C1'" 1 
ATOM   112 N  N9    . DA  A 1 6  ? 3.429   -4.037  1.216   1.00 20.65 ? 6   DA  A N9    1 
ATOM   113 C  C8    . DA  A 1 6  ? 2.819   -4.912  0.359   1.00 20.64 ? 6   DA  A C8    1 
ATOM   114 N  N7    . DA  A 1 6  ? 1.991   -4.334  -0.492  1.00 20.75 ? 6   DA  A N7    1 
ATOM   115 C  C5    . DA  A 1 6  ? 2.081   -2.992  -0.176  1.00 19.08 ? 6   DA  A C5    1 
ATOM   116 C  C6    . DA  A 1 6  ? 1.433   -1.851  -0.704  1.00 17.24 ? 6   DA  A C6    1 
ATOM   117 N  N6    . DA  A 1 6  ? 0.573   -1.917  -1.737  1.00 19.44 ? 6   DA  A N6    1 
ATOM   118 N  N1    . DA  A 1 6  ? 1.718   -0.661  -0.155  1.00 19.41 ? 6   DA  A N1    1 
ATOM   119 C  C2    . DA  A 1 6  ? 2.613   -0.614  0.848   1.00 20.03 ? 6   DA  A C2    1 
ATOM   120 N  N3    . DA  A 1 6  ? 3.281   -1.610  1.435   1.00 21.02 ? 6   DA  A N3    1 
ATOM   121 C  C4    . DA  A 1 6  ? 2.963   -2.787  0.870   1.00 18.50 ? 6   DA  A C4    1 
ATOM   122 P  P     . DT  A 1 7  ? 5.307   -5.694  6.178   1.00 22.69 ? 7   DT  A P     1 
ATOM   123 O  OP1   . DT  A 1 7  ? 6.361   -5.555  7.236   1.00 24.95 ? 7   DT  A OP1   1 
ATOM   124 O  OP2   . DT  A 1 7  ? 4.341   -6.737  6.277   1.00 21.75 ? 7   DT  A OP2   1 
ATOM   125 O  "O5'" . DT  A 1 7  ? 4.408   -4.394  6.268   1.00 23.20 ? 7   DT  A "O5'" 1 
ATOM   126 C  "C5'" . DT  A 1 7  ? 5.029   -3.116  6.184   1.00 22.23 ? 7   DT  A "C5'" 1 
ATOM   127 C  "C4'" . DT  A 1 7  ? 3.989   -2.022  6.141   1.00 20.19 ? 7   DT  A "C4'" 1 
ATOM   128 O  "O4'" . DT  A 1 7  ? 3.245   -2.125  4.917   1.00 19.89 ? 7   DT  A "O4'" 1 
ATOM   129 C  "C3'" . DT  A 1 7  ? 2.964   -2.021  7.267   1.00 22.04 ? 7   DT  A "C3'" 1 
ATOM   130 O  "O3'" . DT  A 1 7  ? 3.254   -0.802  7.968   1.00 25.52 ? 7   DT  A "O3'" 1 
ATOM   131 C  "C2'" . DT  A 1 7  ? 1.612   -1.995  6.565   1.00 21.88 ? 7   DT  A "C2'" 1 
ATOM   132 C  "C1'" . DT  A 1 7  ? 1.959   -1.566  5.162   1.00 21.30 ? 7   DT  A "C1'" 1 
ATOM   133 N  N1    . DT  A 1 7  ? 1.072   -2.047  4.088   1.00 19.60 ? 7   DT  A N1    1 
ATOM   134 C  C2    . DT  A 1 7  ? 0.384   -1.109  3.332   1.00 20.09 ? 7   DT  A C2    1 
ATOM   135 O  O2    . DT  A 1 7  ? 0.438   0.096   3.536   1.00 22.63 ? 7   DT  A O2    1 
ATOM   136 N  N3    . DT  A 1 7  ? -0.401  -1.653  2.343   1.00 19.52 ? 7   DT  A N3    1 
ATOM   137 C  C4    . DT  A 1 7  ? -0.552  -2.982  2.031   1.00 17.67 ? 7   DT  A C4    1 
ATOM   138 O  O4    . DT  A 1 7  ? -1.238  -3.327  1.063   1.00 21.53 ? 7   DT  A O4    1 
ATOM   139 C  C5    . DT  A 1 7  ? 0.180   -3.906  2.876   1.00 17.22 ? 7   DT  A C5    1 
ATOM   140 C  C7    . DT  A 1 7  ? 0.037   -5.374  2.633   1.00 21.07 ? 7   DT  A C7    1 
ATOM   141 C  C6    . DT  A 1 7  ? 0.912   -3.400  3.866   1.00 18.92 ? 7   DT  A C6    1 
ATOM   142 P  P     . DT  A 1 8  ? 2.595   -0.458  9.394   1.00 26.85 ? 8   DT  A P     1 
ATOM   143 O  OP1   . DT  A 1 8  ? 3.523   0.367   10.247  1.00 29.04 ? 8   DT  A OP1   1 
ATOM   144 O  OP2   . DT  A 1 8  ? 1.980   -1.663  9.963   1.00 27.46 ? 8   DT  A OP2   1 
ATOM   145 O  "O5'" . DT  A 1 8  ? 1.382   0.433   8.930   1.00 26.73 ? 8   DT  A "O5'" 1 
ATOM   146 C  "C5'" . DT  A 1 8  ? 1.672   1.632   8.202   1.00 25.66 ? 8   DT  A "C5'" 1 
ATOM   147 C  "C4'" . DT  A 1 8  ? 0.362   2.223   7.749   1.00 25.33 ? 8   DT  A "C4'" 1 
ATOM   148 O  "O4'" . DT  A 1 8  ? -0.168  1.390   6.707   1.00 25.77 ? 8   DT  A "O4'" 1 
ATOM   149 C  "C3'" . DT  A 1 8  ? -0.749  2.357   8.783   1.00 28.86 ? 8   DT  A "C3'" 1 
ATOM   150 O  "O3'" . DT  A 1 8  ? -0.946  3.752   8.907   1.00 29.77 ? 8   DT  A "O3'" 1 
ATOM   151 C  "C2'" . DT  A 1 8  ? -1.964  1.675   8.167   1.00 25.90 ? 8   DT  A "C2'" 1 
ATOM   152 C  "C1'" . DT  A 1 8  ? -1.573  1.543   6.697   1.00 24.84 ? 8   DT  A "C1'" 1 
ATOM   153 N  N1    . DT  A 1 8  ? -2.118  0.371   5.947   1.00 21.02 ? 8   DT  A N1    1 
ATOM   154 C  C2    . DT  A 1 8  ? -2.878  0.587   4.829   1.00 21.03 ? 8   DT  A C2    1 
ATOM   155 O  O2    . DT  A 1 8  ? -3.174  1.708   4.429   1.00 24.69 ? 8   DT  A O2    1 
ATOM   156 N  N3    . DT  A 1 8  ? -3.276  -0.558  4.177   1.00 19.97 ? 8   DT  A N3    1 
ATOM   157 C  C4    . DT  A 1 8  ? -2.990  -1.879  4.532   1.00 18.04 ? 8   DT  A C4    1 
ATOM   158 O  O4    . DT  A 1 8  ? -3.401  -2.817  3.846   1.00 20.29 ? 8   DT  A O4    1 
ATOM   159 C  C5    . DT  A 1 8  ? -2.194  -2.025  5.724   1.00 19.20 ? 8   DT  A C5    1 
ATOM   160 C  C7    . DT  A 1 8  ? -1.880  -3.403  6.221   1.00 22.38 ? 8   DT  A C7    1 
ATOM   161 C  C6    . DT  A 1 8  ? -1.821  -0.913  6.375   1.00 21.92 ? 8   DT  A C6    1 
ATOM   162 P  P     . DC  A 1 9  ? -2.128  4.373   9.734   1.00 30.38 ? 9   DC  A P     1 
ATOM   163 O  OP1   . DC  A 1 9  ? -1.645  5.664   10.056  1.00 35.01 ? 9   DC  A OP1   1 
ATOM   164 O  OP2   . DC  A 1 9  ? -2.710  3.496   10.701  1.00 28.66 ? 9   DC  A OP2   1 
ATOM   165 O  "O5'" . DC  A 1 9  ? -3.283  4.638   8.699   1.00 30.23 ? 9   DC  A "O5'" 1 
ATOM   166 C  "C5'" . DC  A 1 9  ? -3.011  5.261   7.469   1.00 32.00 ? 9   DC  A "C5'" 1 
ATOM   167 C  "C4'" . DC  A 1 9  ? -4.280  5.348   6.661   1.00 30.76 ? 9   DC  A "C4'" 1 
ATOM   168 O  "O4'" . DC  A 1 9  ? -4.597  4.060   6.120   1.00 26.98 ? 9   DC  A "O4'" 1 
ATOM   169 C  "C3'" . DC  A 1 9  ? -5.530  5.820   7.401   1.00 33.51 ? 9   DC  A "C3'" 1 
ATOM   170 O  "O3'" . DC  A 1 9  ? -6.074  6.854   6.579   1.00 35.52 ? 9   DC  A "O3'" 1 
ATOM   171 C  "C2'" . DC  A 1 9  ? -6.407  4.585   7.451   1.00 26.49 ? 9   DC  A "C2'" 1 
ATOM   172 C  "C1'" . DC  A 1 9  ? -5.964  3.797   6.237   1.00 24.60 ? 9   DC  A "C1'" 1 
ATOM   173 N  N1    . DC  A 1 9  ? -6.089  2.346   6.307   1.00 23.14 ? 9   DC  A N1    1 
ATOM   174 C  C2    . DC  A 1 9  ? -6.703  1.646   5.262   1.00 20.21 ? 9   DC  A C2    1 
ATOM   175 O  O2    . DC  A 1 9  ? -7.247  2.274   4.353   1.00 24.37 ? 9   DC  A O2    1 
ATOM   176 N  N3    . DC  A 1 9  ? -6.702  0.301   5.288   1.00 23.13 ? 9   DC  A N3    1 
ATOM   177 C  C4    . DC  A 1 9  ? -6.122  -0.347  6.293   1.00 20.49 ? 9   DC  A C4    1 
ATOM   178 N  N4    . DC  A 1 9  ? -6.142  -1.671  6.265   1.00 19.84 ? 9   DC  A N4    1 
ATOM   179 C  C5    . DC  A 1 9  ? -5.471  0.339   7.355   1.00 22.84 ? 9   DC  A C5    1 
ATOM   180 C  C6    . DC  A 1 9  ? -5.454  1.670   7.307   1.00 23.32 ? 9   DC  A C6    1 
ATOM   181 P  P     . DG  A 1 10 ? -7.101  7.960   7.041   1.00 41.38 ? 10  DG  A P     1 
ATOM   182 O  OP1   . DG  A 1 10 ? -6.952  9.152   6.228   1.00 40.90 ? 10  DG  A OP1   1 
ATOM   183 O  OP2   . DG  A 1 10 ? -7.153  7.956   8.485   1.00 31.90 ? 10  DG  A OP2   1 
ATOM   184 O  "O5'" . DG  A 1 10 ? -8.548  7.371   6.818   1.00 30.78 ? 10  DG  A "O5'" 1 
ATOM   185 C  "C5'" . DG  A 1 10 ? -9.073  7.159   5.534   1.00 31.88 ? 10  DG  A "C5'" 1 
ATOM   186 C  "C4'" . DG  A 1 10 ? -10.262 6.234   5.660   1.00 30.00 ? 10  DG  A "C4'" 1 
ATOM   187 O  "O4'" . DG  A 1 10 ? -9.768  4.918   5.955   1.00 28.15 ? 10  DG  A "O4'" 1 
ATOM   188 C  "C3'" . DG  A 1 10 ? -11.243 6.571   6.788   1.00 29.72 ? 10  DG  A "C3'" 1 
ATOM   189 O  "O3'" . DG  A 1 10 ? -12.588 6.415   6.347   1.00 32.31 ? 10  DG  A "O3'" 1 
ATOM   190 C  "C2'" . DG  A 1 10 ? -10.994 5.480   7.809   1.00 30.19 ? 10  DG  A "C2'" 1 
ATOM   191 C  "C1'" . DG  A 1 10 ? -10.641 4.360   6.885   1.00 25.55 ? 10  DG  A "C1'" 1 
ATOM   192 N  N9    . DG  A 1 10 ? -10.019 3.166   7.440   1.00 26.54 ? 10  DG  A N9    1 
ATOM   193 C  C8    . DG  A 1 10 ? -9.275  3.026   8.581   1.00 26.02 ? 10  DG  A C8    1 
ATOM   194 N  N7    . DG  A 1 10 ? -8.898  1.798   8.797   1.00 24.98 ? 10  DG  A N7    1 
ATOM   195 C  C5    . DG  A 1 10 ? -9.407  1.091   7.718   1.00 21.36 ? 10  DG  A C5    1 
ATOM   196 C  C6    . DG  A 1 10 ? -9.342  -0.283  7.414   1.00 20.79 ? 10  DG  A C6    1 
ATOM   197 O  O6    . DG  A 1 10 ? -8.772  -1.178  8.030   1.00 22.62 ? 10  DG  A O6    1 
ATOM   198 N  N1    . DG  A 1 10 ? -10.015 -0.575  6.235   1.00 18.92 ? 10  DG  A N1    1 
ATOM   199 C  C2    . DG  A 1 10 ? -10.691 0.333   5.470   1.00 23.92 ? 10  DG  A C2    1 
ATOM   200 N  N2    . DG  A 1 10 ? -11.306 -0.143  4.395   1.00 20.87 ? 10  DG  A N2    1 
ATOM   201 N  N3    . DG  A 1 10 ? -10.750 1.619   5.739   1.00 22.63 ? 10  DG  A N3    1 
ATOM   202 C  C4    . DG  A 1 10 ? -10.122 1.920   6.888   1.00 21.70 ? 10  DG  A C4    1 
ATOM   203 P  P     . DC  A 1 11 ? -13.629 7.588   6.073   1.00 37.78 ? 11  DC  A P     1 
ATOM   204 O  OP1   . DC  A 1 11 ? -12.759 8.697   5.591   1.00 39.61 ? 11  DC  A OP1   1 
ATOM   205 O  OP2   . DC  A 1 11 ? -14.355 7.682   7.345   1.00 33.74 ? 11  DC  A OP2   1 
ATOM   206 O  "O5'" . DC  A 1 11 ? -14.457 6.963   4.876   1.00 34.78 ? 11  DC  A "O5'" 1 
ATOM   207 C  "C5'" . DC  A 1 11 ? -13.807 6.698   3.644   1.00 32.00 ? 11  DC  A "C5'" 1 
ATOM   208 C  "C4'" . DC  A 1 11 ? -14.319 5.398   3.061   1.00 30.58 ? 11  DC  A "C4'" 1 
ATOM   209 O  "O4'" . DC  A 1 11 ? -13.857 4.233   3.792   1.00 30.80 ? 11  DC  A "O4'" 1 
ATOM   210 C  "C3'" . DC  A 1 11 ? -15.831 5.253   2.986   1.00 30.10 ? 11  DC  A "C3'" 1 
ATOM   211 O  "O3'" . DC  A 1 11 ? -15.997 4.641   1.707   1.00 31.39 ? 11  DC  A "O3'" 1 
ATOM   212 C  "C2'" . DC  A 1 11 ? -16.173 4.273   4.106   1.00 32.43 ? 11  DC  A "C2'" 1 
ATOM   213 C  "C1'" . DC  A 1 11 ? -14.949 3.376   4.156   1.00 25.88 ? 11  DC  A "C1'" 1 
ATOM   214 N  N1    . DC  A 1 11 ? -14.602 2.849   5.467   1.00 27.81 ? 11  DC  A N1    1 
ATOM   215 C  C2    . DC  A 1 11 ? -14.312 1.491   5.537   1.00 23.85 ? 11  DC  A C2    1 
ATOM   216 O  O2    . DC  A 1 11 ? -14.574 0.787   4.561   1.00 23.23 ? 11  DC  A O2    1 
ATOM   217 N  N3    . DC  A 1 11 ? -13.858 0.975   6.694   1.00 21.65 ? 11  DC  A N3    1 
ATOM   218 C  C4    . DC  A 1 11 ? -13.538 1.778   7.699   1.00 25.93 ? 11  DC  A C4    1 
ATOM   219 N  N4    . DC  A 1 11 ? -13.005 1.224   8.785   1.00 23.97 ? 11  DC  A N4    1 
ATOM   220 C  C5    . DC  A 1 11 ? -13.798 3.178   7.653   1.00 27.23 ? 11  DC  A C5    1 
ATOM   221 C  C6    . DC  A 1 11 ? -14.300 3.672   6.515   1.00 28.88 ? 11  DC  A C6    1 
ATOM   222 P  P     . DG  A 1 12 ? -17.509 4.727   1.112   1.00 41.90 ? 12  DG  A P     1 
ATOM   223 O  OP1   . DG  A 1 12 ? -17.279 4.526   -0.349  1.00 37.02 ? 12  DG  A OP1   1 
ATOM   224 O  OP2   . DG  A 1 12 ? -18.305 5.857   1.650   1.00 41.62 ? 12  DG  A OP2   1 
ATOM   225 O  "O5'" . DG  A 1 12 ? -18.288 3.469   1.698   1.00 36.55 ? 12  DG  A "O5'" 1 
ATOM   226 C  "C5'" . DG  A 1 12 ? -18.107 2.188   1.104   1.00 32.38 ? 12  DG  A "C5'" 1 
ATOM   227 C  "C4'" . DG  A 1 12 ? -18.896 1.178   1.902   1.00 24.93 ? 12  DG  A "C4'" 1 
ATOM   228 O  "O4'" . DG  A 1 12 ? -18.242 0.995   3.152   1.00 27.88 ? 12  DG  A "O4'" 1 
ATOM   229 C  "C3'" . DG  A 1 12 ? -20.324 1.581   2.268   1.00 26.64 ? 12  DG  A "C3'" 1 
ATOM   230 O  "O3'" . DG  A 1 12 ? -21.141 0.763   1.409   1.00 25.45 ? 12  DG  A "O3'" 1 
ATOM   231 C  "C2'" . DG  A 1 12 ? -20.468 1.279   3.754   1.00 27.98 ? 12  DG  A "C2'" 1 
ATOM   232 C  "C1'" . DG  A 1 12 ? -19.185 0.558   4.108   1.00 23.68 ? 12  DG  A "C1'" 1 
ATOM   233 N  N9    . DG  A 1 12 ? -18.603 0.915   5.402   1.00 22.25 ? 12  DG  A N9    1 
ATOM   234 C  C8    . DG  A 1 12 ? -18.366 2.190   5.856   1.00 30.28 ? 12  DG  A C8    1 
ATOM   235 N  N7    . DG  A 1 12 ? -17.667 2.218   6.955   1.00 25.32 ? 12  DG  A N7    1 
ATOM   236 C  C5    . DG  A 1 12 ? -17.379 0.883   7.212   1.00 22.48 ? 12  DG  A C5    1 
ATOM   237 C  C6    . DG  A 1 12 ? -16.627 0.274   8.265   1.00 24.89 ? 12  DG  A C6    1 
ATOM   238 O  O6    . DG  A 1 12 ? -16.119 0.807   9.265   1.00 28.76 ? 12  DG  A O6    1 
ATOM   239 N  N1    . DG  A 1 12 ? -16.646 -1.112  8.166   1.00 23.99 ? 12  DG  A N1    1 
ATOM   240 C  C2    . DG  A 1 12 ? -17.176 -1.826  7.122   1.00 24.06 ? 12  DG  A C2    1 
ATOM   241 N  N2    . DG  A 1 12 ? -17.034 -3.149  7.181   1.00 22.70 ? 12  DG  A N2    1 
ATOM   242 N  N3    . DG  A 1 12 ? -17.848 -1.277  6.130   1.00 22.21 ? 12  DG  A N3    1 
ATOM   243 C  C4    . DG  A 1 12 ? -17.967 0.064   6.270   1.00 22.65 ? 12  DG  A C4    1 
ATOM   244 O  "O5'" . DC  B 1 1  ? -14.286 -6.547  15.077  1.00 39.56 ? 13  DC  B "O5'" 1 
ATOM   245 C  "C5'" . DC  B 1 1  ? -15.189 -7.456  14.449  1.00 37.26 ? 13  DC  B "C5'" 1 
ATOM   246 C  "C4'" . DC  B 1 1  ? -14.969 -7.406  12.957  1.00 34.76 ? 13  DC  B "C4'" 1 
ATOM   247 O  "O4'" . DC  B 1 1  ? -15.449 -6.157  12.426  1.00 29.93 ? 13  DC  B "O4'" 1 
ATOM   248 C  "C3'" . DC  B 1 1  ? -13.505 -7.489  12.545  1.00 33.85 ? 13  DC  B "C3'" 1 
ATOM   249 O  "O3'" . DC  B 1 1  ? -13.343 -8.064  11.283  1.00 34.40 ? 13  DC  B "O3'" 1 
ATOM   250 C  "C2'" . DC  B 1 1  ? -13.191 -6.091  12.101  1.00 36.16 ? 13  DC  B "C2'" 1 
ATOM   251 C  "C1'" . DC  B 1 1  ? -14.502 -5.719  11.485  1.00 33.96 ? 13  DC  B "C1'" 1 
ATOM   252 N  N1    . DC  B 1 1  ? -14.574 -4.283  11.404  1.00 35.34 ? 13  DC  B N1    1 
ATOM   253 C  C2    . DC  B 1 1  ? -15.178 -3.672  10.310  1.00 23.73 ? 13  DC  B C2    1 
ATOM   254 O  O2    . DC  B 1 1  ? -15.744 -4.368  9.479   1.00 28.68 ? 13  DC  B O2    1 
ATOM   255 N  N3    . DC  B 1 1  ? -15.179 -2.332  10.228  1.00 34.62 ? 13  DC  B N3    1 
ATOM   256 C  C4    . DC  B 1 1  ? -14.543 -1.608  11.150  1.00 40.71 ? 13  DC  B C4    1 
ATOM   257 N  N4    . DC  B 1 1  ? -14.553 -0.289  11.025  1.00 45.94 ? 13  DC  B N4    1 
ATOM   258 C  C5    . DC  B 1 1  ? -13.852 -2.212  12.232  1.00 44.06 ? 13  DC  B C5    1 
ATOM   259 C  C6    . DC  B 1 1  ? -13.883 -3.541  12.313  1.00 36.72 ? 13  DC  B C6    1 
ATOM   260 P  P     . DG  B 1 2  ? -12.259 -9.165  11.028  1.00 38.09 ? 14  DG  B P     1 
ATOM   261 O  OP1   . DG  B 1 2  ? -12.742 -10.396 11.553  1.00 35.91 ? 14  DG  B OP1   1 
ATOM   262 O  OP2   . DG  B 1 2  ? -10.870 -8.753  11.142  1.00 39.46 ? 14  DG  B OP2   1 
ATOM   263 O  "O5'" . DG  B 1 2  ? -12.499 -9.415  9.482   1.00 33.03 ? 14  DG  B "O5'" 1 
ATOM   264 C  "C5'" . DG  B 1 2  ? -13.801 -9.716  8.984   1.00 25.74 ? 14  DG  B "C5'" 1 
ATOM   265 C  "C4'" . DG  B 1 2  ? -13.998 -9.085  7.622   1.00 23.30 ? 14  DG  B "C4'" 1 
ATOM   266 O  "O4'" . DG  B 1 2  ? -14.164 -7.664  7.753   1.00 25.18 ? 14  DG  B "O4'" 1 
ATOM   267 C  "C3'" . DG  B 1 2  ? -12.834 -9.296  6.664   1.00 25.11 ? 14  DG  B "C3'" 1 
ATOM   268 O  "O3'" . DG  B 1 2  ? -13.233 -9.901  5.455   1.00 22.51 ? 14  DG  B "O3'" 1 
ATOM   269 C  "C2'" . DG  B 1 2  ? -12.255 -7.912  6.459   1.00 25.85 ? 14  DG  B "C2'" 1 
ATOM   270 C  "C1'" . DG  B 1 2  ? -13.388 -6.969  6.804   1.00 23.98 ? 14  DG  B "C1'" 1 
ATOM   271 N  N9    . DG  B 1 2  ? -12.924 -5.742  7.447   1.00 22.51 ? 14  DG  B N9    1 
ATOM   272 C  C8    . DG  B 1 2  ? -12.111 -5.704  8.547   1.00 23.46 ? 14  DG  B C8    1 
ATOM   273 N  N7    . DG  B 1 2  ? -11.840 -4.495  8.940   1.00 22.97 ? 14  DG  B N7    1 
ATOM   274 C  C5    . DG  B 1 2  ? -12.501 -3.680  8.038   1.00 20.43 ? 14  DG  B C5    1 
ATOM   275 C  C6    . DG  B 1 2  ? -12.551 -2.271  7.947   1.00 20.40 ? 14  DG  B C6    1 
ATOM   276 O  O6    . DG  B 1 2  ? -12.046 -1.441  8.692   1.00 21.19 ? 14  DG  B O6    1 
ATOM   277 N  N1    . DG  B 1 2  ? -13.328 -1.855  6.878   1.00 17.82 ? 14  DG  B N1    1 
ATOM   278 C  C2    . DG  B 1 2  ? -13.942 -2.683  5.985   1.00 17.88 ? 14  DG  B C2    1 
ATOM   279 N  N2    . DG  B 1 2  ? -14.623 -2.077  5.012   1.00 19.06 ? 14  DG  B N2    1 
ATOM   280 N  N3    . DG  B 1 2  ? -13.904 -4.004  6.056   1.00 19.39 ? 14  DG  B N3    1 
ATOM   281 C  C4    . DG  B 1 2  ? -13.162 -4.432  7.098   1.00 21.58 ? 14  DG  B C4    1 
ATOM   282 P  P     . DC  B 1 3  ? -12.192 -10.307 4.373   1.00 24.83 ? 15  DC  B P     1 
ATOM   283 O  OP1   . DC  B 1 3  ? -12.789 -11.408 3.725   1.00 26.80 ? 15  DC  B OP1   1 
ATOM   284 O  OP2   . DC  B 1 3  ? -10.886 -10.401 4.920   1.00 30.38 ? 15  DC  B OP2   1 
ATOM   285 O  "O5'" . DC  B 1 3  ? -12.140 -9.127  3.320   1.00 24.00 ? 15  DC  B "O5'" 1 
ATOM   286 C  "C5'" . DC  B 1 3  ? -13.308 -8.640  2.666   1.00 23.38 ? 15  DC  B "C5'" 1 
ATOM   287 C  "C4'" . DC  B 1 3  ? -13.126 -7.220  2.186   1.00 20.09 ? 15  DC  B "C4'" 1 
ATOM   288 O  "O4'" . DC  B 1 3  ? -12.828 -6.378  3.302   1.00 21.13 ? 15  DC  B "O4'" 1 
ATOM   289 C  "C3'" . DC  B 1 3  ? -11.955 -7.021  1.240   1.00 24.16 ? 15  DC  B "C3'" 1 
ATOM   290 O  "O3'" . DC  B 1 3  ? -12.360 -7.173  -0.111  1.00 24.64 ? 15  DC  B "O3'" 1 
ATOM   291 C  "C2'" . DC  B 1 3  ? -11.544 -5.583  1.504   1.00 26.71 ? 15  DC  B "C2'" 1 
ATOM   292 C  "C1'" . DC  B 1 3  ? -12.109 -5.251  2.869   1.00 23.60 ? 15  DC  B "C1'" 1 
ATOM   293 N  N1    . DC  B 1 3  ? -11.134 -4.920  3.910   1.00 22.28 ? 15  DC  B N1    1 
ATOM   294 C  C2    . DC  B 1 3  ? -11.010 -3.598  4.315   1.00 16.91 ? 15  DC  B C2    1 
ATOM   295 O  O2    . DC  B 1 3  ? -11.663 -2.738  3.739   1.00 20.47 ? 15  DC  B O2    1 
ATOM   296 N  N3    . DC  B 1 3  ? -10.166 -3.289  5.316   1.00 17.65 ? 15  DC  B N3    1 
ATOM   297 C  C4    . DC  B 1 3  ? -9.455  -4.243  5.901   1.00 20.79 ? 15  DC  B C4    1 
ATOM   298 N  N4    . DC  B 1 3  ? -8.627  -3.885  6.878   1.00 22.61 ? 15  DC  B N4    1 
ATOM   299 C  C5    . DC  B 1 3  ? -9.558  -5.606  5.509   1.00 23.51 ? 15  DC  B C5    1 
ATOM   300 C  C6    . DC  B 1 3  ? -10.401 -5.897  4.517   1.00 22.47 ? 15  DC  B C6    1 
ATOM   301 P  P     . DG  B 1 4  ? -11.303 -7.234  -1.240  1.00 29.86 ? 16  DG  B P     1 
ATOM   302 O  OP1   . DG  B 1 4  ? -11.984 -7.963  -2.262  1.00 35.68 ? 16  DG  B OP1   1 
ATOM   303 O  OP2   . DG  B 1 4  ? -10.069 -7.749  -0.713  1.00 31.33 ? 16  DG  B OP2   1 
ATOM   304 O  "O5'" . DG  B 1 4  ? -11.200 -5.736  -1.731  1.00 26.28 ? 16  DG  B "O5'" 1 
ATOM   305 C  "C5'" . DG  B 1 4  ? -12.339 -4.976  -2.098  1.00 27.47 ? 16  DG  B "C5'" 1 
ATOM   306 C  "C4'" . DG  B 1 4  ? -11.960 -3.538  -2.350  1.00 25.69 ? 16  DG  B "C4'" 1 
ATOM   307 O  "O4'" . DG  B 1 4  ? -11.474 -2.956  -1.124  1.00 25.83 ? 16  DG  B "O4'" 1 
ATOM   308 C  "C3'" . DG  B 1 4  ? -10.858 -3.327  -3.381  1.00 31.18 ? 16  DG  B "C3'" 1 
ATOM   309 O  "O3'" . DG  B 1 4  ? -11.104 -2.138  -4.126  1.00 30.96 ? 16  DG  B "O3'" 1 
ATOM   310 C  "C2'" . DG  B 1 4  ? -9.615  -3.204  -2.520  1.00 28.18 ? 16  DG  B "C2'" 1 
ATOM   311 C  "C1'" . DG  B 1 4  ? -10.126 -2.554  -1.259  1.00 26.99 ? 16  DG  B "C1'" 1 
ATOM   312 N  N9    . DG  B 1 4  ? -9.396  -2.968  -0.063  1.00 23.23 ? 16  DG  B N9    1 
ATOM   313 C  C8    . DG  B 1 4  ? -8.879  -4.208  0.200   1.00 22.80 ? 16  DG  B C8    1 
ATOM   314 N  N7    . DG  B 1 4  ? -8.227  -4.263  1.326   1.00 22.79 ? 16  DG  B N7    1 
ATOM   315 C  C5    . DG  B 1 4  ? -8.305  -2.975  1.830   1.00 19.48 ? 16  DG  B C5    1 
ATOM   316 C  C6    . DG  B 1 4  ? -7.804  -2.429  3.030   1.00 23.44 ? 16  DG  B C6    1 
ATOM   317 O  O6    . DG  B 1 4  ? -7.170  -2.988  3.920   1.00 21.42 ? 16  DG  B O6    1 
ATOM   318 N  N1    . DG  B 1 4  ? -8.095  -1.075  3.133   1.00 21.92 ? 16  DG  B N1    1 
ATOM   319 C  C2    . DG  B 1 4  ? -8.833  -0.358  2.231   1.00 18.78 ? 16  DG  B C2    1 
ATOM   320 N  N2    . DG  B 1 4  ? -9.049  0.921   2.522   1.00 21.96 ? 16  DG  B N2    1 
ATOM   321 N  N3    . DG  B 1 4  ? -9.323  -0.860  1.122   1.00 21.81 ? 16  DG  B N3    1 
ATOM   322 C  C4    . DG  B 1 4  ? -9.021  -2.163  0.981   1.00 22.58 ? 16  DG  B C4    1 
ATOM   323 P  P     . DA  B 1 5  ? -10.089 -1.220  -4.876  1.00 33.92 ? 17  DA  B P     1 
ATOM   324 O  OP1   . DA  B 1 5  ? -10.951 -0.645  -5.951  1.00 43.01 ? 17  DA  B OP1   1 
ATOM   325 O  OP2   . DA  B 1 5  ? -8.954  -2.081  -5.284  1.00 31.89 ? 17  DA  B OP2   1 
ATOM   326 O  "O5'" . DA  B 1 5  ? -9.782  -0.066  -3.846  1.00 34.14 ? 17  DA  B "O5'" 1 
ATOM   327 C  "C5'" . DA  B 1 5  ? -10.781 0.727   -3.239  1.00 28.27 ? 17  DA  B "C5'" 1 
ATOM   328 C  "C4'" . DA  B 1 5  ? -10.090 1.905   -2.604  1.00 32.66 ? 17  DA  B "C4'" 1 
ATOM   329 O  "O4'" . DA  B 1 5  ? -9.284  1.521   -1.455  1.00 31.06 ? 17  DA  B "O4'" 1 
ATOM   330 C  "C3'" . DA  B 1 5  ? -9.132  2.618   -3.549  1.00 37.31 ? 17  DA  B "C3'" 1 
ATOM   331 O  "O3'" . DA  B 1 5  ? -9.321  3.979   -3.179  1.00 33.15 ? 17  DA  B "O3'" 1 
ATOM   332 C  "C2'" . DA  B 1 5  ? -7.784  2.017   -3.190  1.00 35.57 ? 17  DA  B "C2'" 1 
ATOM   333 C  "C1'" . DA  B 1 5  ? -7.910  1.760   -1.689  1.00 32.43 ? 17  DA  B "C1'" 1 
ATOM   334 N  N9    . DA  B 1 5  ? -7.183  0.582   -1.222  1.00 24.64 ? 17  DA  B N9    1 
ATOM   335 C  C8    . DA  B 1 5  ? -7.173  -0.664  -1.784  1.00 25.02 ? 17  DA  B C8    1 
ATOM   336 N  N7    . DA  B 1 5  ? -6.484  -1.552  -1.106  1.00 23.05 ? 17  DA  B N7    1 
ATOM   337 C  C5    . DA  B 1 5  ? -6.011  -0.835  -0.017  1.00 19.99 ? 17  DA  B C5    1 
ATOM   338 C  C6    . DA  B 1 5  ? -5.261  -1.217  1.103   1.00 18.02 ? 17  DA  B C6    1 
ATOM   339 N  N6    . DA  B 1 5  ? -4.779  -2.449  1.266   1.00 20.53 ? 17  DA  B N6    1 
ATOM   340 N  N1    . DA  B 1 5  ? -4.913  -0.252  1.981   1.00 21.05 ? 17  DA  B N1    1 
ATOM   341 C  C2    . DA  B 1 5  ? -5.430  0.980   1.826   1.00 22.08 ? 17  DA  B C2    1 
ATOM   342 N  N3    . DA  B 1 5  ? -6.190  1.451   0.820   1.00 20.40 ? 17  DA  B N3    1 
ATOM   343 C  C4    . DA  B 1 5  ? -6.453  0.476   -0.061  1.00 20.24 ? 17  DA  B C4    1 
ATOM   344 P  P     . DA  B 1 6  ? -8.402  5.140   -3.795  1.00 40.02 ? 18  DA  B P     1 
ATOM   345 O  OP1   . DA  B 1 6  ? -9.243  6.353   -3.685  1.00 42.76 ? 18  DA  B OP1   1 
ATOM   346 O  OP2   . DA  B 1 6  ? -7.773  4.614   -5.007  1.00 33.42 ? 18  DA  B OP2   1 
ATOM   347 O  "O5'" . DA  B 1 6  ? -7.180  5.337   -2.787  1.00 34.80 ? 18  DA  B "O5'" 1 
ATOM   348 C  "C5'" . DA  B 1 6  ? -7.386  5.927   -1.501  1.00 32.89 ? 18  DA  B "C5'" 1 
ATOM   349 C  "C4'" . DA  B 1 6  ? -6.047  5.940   -0.801  1.00 28.32 ? 18  DA  B "C4'" 1 
ATOM   350 O  "O4'" . DA  B 1 6  ? -5.620  4.569   -0.614  1.00 29.67 ? 18  DA  B "O4'" 1 
ATOM   351 C  "C3'" . DA  B 1 6  ? -4.943  6.632   -1.616  1.00 29.26 ? 18  DA  B "C3'" 1 
ATOM   352 O  "O3'" . DA  B 1 6  ? -4.548  7.774   -0.859  1.00 36.50 ? 18  DA  B "O3'" 1 
ATOM   353 C  "C2'" . DA  B 1 6  ? -3.876  5.548   -1.819  1.00 29.38 ? 18  DA  B "C2'" 1 
ATOM   354 C  "C1'" . DA  B 1 6  ? -4.208  4.520   -0.739  1.00 27.73 ? 18  DA  B "C1'" 1 
ATOM   355 N  N9    . DA  B 1 6  ? -3.848  3.132   -1.021  1.00 26.10 ? 18  DA  B N9    1 
ATOM   356 C  C8    . DA  B 1 6  ? -4.187  2.424   -2.146  1.00 22.05 ? 18  DA  B C8    1 
ATOM   357 N  N7    . DA  B 1 6  ? -3.765  1.181   -2.140  1.00 23.34 ? 18  DA  B N7    1 
ATOM   358 C  C5    . DA  B 1 6  ? -3.112  1.055   -0.918  1.00 19.91 ? 18  DA  B C5    1 
ATOM   359 C  C6    . DA  B 1 6  ? -2.413  -0.026  -0.325  1.00 17.50 ? 18  DA  B C6    1 
ATOM   360 N  N6    . DA  B 1 6  ? -2.374  -1.259  -0.836  1.00 20.52 ? 18  DA  B N6    1 
ATOM   361 N  N1    . DA  B 1 6  ? -1.825  0.192   0.882   1.00 18.53 ? 18  DA  B N1    1 
ATOM   362 C  C2    . DA  B 1 6  ? -1.920  1.394   1.420   1.00 19.82 ? 18  DA  B C2    1 
ATOM   363 N  N3    . DA  B 1 6  ? -2.567  2.493   0.973   1.00 22.28 ? 18  DA  B N3    1 
ATOM   364 C  C4    . DA  B 1 6  ? -3.102  2.263   -0.244  1.00 21.96 ? 18  DA  B C4    1 
ATOM   365 P  P     . DT  B 1 7  ? -3.243  8.604   -1.323  1.00 37.77 ? 19  DT  B P     1 
ATOM   366 O  OP1   . DT  B 1 7  ? -3.404  9.903   -0.643  1.00 39.30 ? 19  DT  B OP1   1 
ATOM   367 O  OP2   . DT  B 1 7  ? -2.959  8.463   -2.762  1.00 33.98 ? 19  DT  B OP2   1 
ATOM   368 O  "O5'" . DT  B 1 7  ? -2.038  7.886   -0.572  1.00 33.82 ? 19  DT  B "O5'" 1 
ATOM   369 C  "C5'" . DT  B 1 7  ? -2.004  7.891   0.853   1.00 31.60 ? 19  DT  B "C5'" 1 
ATOM   370 C  "C4'" . DT  B 1 7  ? -0.838  7.051   1.317   1.00 30.05 ? 19  DT  B "C4'" 1 
ATOM   371 O  "O4'" . DT  B 1 7  ? -0.937  5.719   0.775   1.00 27.31 ? 19  DT  B "O4'" 1 
ATOM   372 C  "C3'" . DT  B 1 7  ? 0.525   7.580   0.872   1.00 28.59 ? 19  DT  B "C3'" 1 
ATOM   373 O  "O3'" . DT  B 1 7  ? 1.169   7.941   2.081   1.00 30.79 ? 19  DT  B "O3'" 1 
ATOM   374 C  "C2'" . DT  B 1 7  ? 1.130   6.430   0.078   1.00 28.60 ? 19  DT  B "C2'" 1 
ATOM   375 C  "C1'" . DT  B 1 7  ? 0.377   5.231   0.612   1.00 26.45 ? 19  DT  B "C1'" 1 
ATOM   376 N  N1    . DT  B 1 7  ? 0.282   4.080   -0.288  1.00 27.19 ? 19  DT  B N1    1 
ATOM   377 C  C2    . DT  B 1 7  ? 0.817   2.858   0.069   1.00 24.06 ? 19  DT  B C2    1 
ATOM   378 O  O2    . DT  B 1 7  ? 1.403   2.665   1.115   1.00 24.60 ? 19  DT  B O2    1 
ATOM   379 N  N3    . DT  B 1 7  ? 0.633   1.867   -0.850  1.00 21.09 ? 19  DT  B N3    1 
ATOM   380 C  C4    . DT  B 1 7  ? -0.011  1.961   -2.071  1.00 21.95 ? 19  DT  B C4    1 
ATOM   381 O  O4    . DT  B 1 7  ? -0.126  0.969   -2.766  1.00 21.89 ? 19  DT  B O4    1 
ATOM   382 C  C5    . DT  B 1 7  ? -0.533  3.273   -2.386  1.00 23.32 ? 19  DT  B C5    1 
ATOM   383 C  C7    . DT  B 1 7  ? -1.239  3.481   -3.684  1.00 25.72 ? 19  DT  B C7    1 
ATOM   384 C  C6    . DT  B 1 7  ? -0.320  4.262   -1.510  1.00 24.85 ? 19  DT  B C6    1 
ATOM   385 P  P     . DT  B 1 8  ? 2.594   8.713   1.936   1.00 37.52 ? 20  DT  B P     1 
ATOM   386 O  OP1   . DT  B 1 8  ? 2.575   9.531   3.183   1.00 34.96 ? 20  DT  B OP1   1 
ATOM   387 O  OP2   . DT  B 1 8  ? 2.837   9.305   0.596   1.00 32.42 ? 20  DT  B OP2   1 
ATOM   388 O  "O5'" . DT  B 1 8  ? 3.571   7.462   2.013   1.00 35.90 ? 20  DT  B "O5'" 1 
ATOM   389 C  "C5'" . DT  B 1 8  ? 3.611   6.697   3.189   1.00 28.69 ? 20  DT  B "C5'" 1 
ATOM   390 C  "C4'" . DT  B 1 8  ? 4.510   5.509   2.992   1.00 27.17 ? 20  DT  B "C4'" 1 
ATOM   391 O  "O4'" . DT  B 1 8  ? 3.960   4.647   1.965   1.00 26.18 ? 20  DT  B "O4'" 1 
ATOM   392 C  "C3'" . DT  B 1 8  ? 5.923   5.858   2.533   1.00 30.51 ? 20  DT  B "C3'" 1 
ATOM   393 O  "O3'" . DT  B 1 8  ? 6.680   5.326   3.596   1.00 30.13 ? 20  DT  B "O3'" 1 
ATOM   394 C  "C2'" . DT  B 1 8  ? 6.164   4.987   1.308   1.00 29.61 ? 20  DT  B "C2'" 1 
ATOM   395 C  "C1'" . DT  B 1 8  ? 5.043   3.977   1.347   1.00 27.37 ? 20  DT  B "C1'" 1 
ATOM   396 N  N1    . DT  B 1 8  ? 4.569   3.546   0.034   1.00 24.02 ? 20  DT  B N1    1 
ATOM   397 C  C2    . DT  B 1 8  ? 4.643   2.200   -0.255  1.00 21.18 ? 20  DT  B C2    1 
ATOM   398 O  O2    . DT  B 1 8  ? 5.141   1.383   0.492   1.00 26.56 ? 20  DT  B O2    1 
ATOM   399 N  N3    . DT  B 1 8  ? 4.140   1.860   -1.484  1.00 22.10 ? 20  DT  B N3    1 
ATOM   400 C  C4    . DT  B 1 8  ? 3.500   2.696   -2.392  1.00 23.59 ? 20  DT  B C4    1 
ATOM   401 O  O4    . DT  B 1 8  ? 3.070   2.238   -3.441  1.00 26.97 ? 20  DT  B O4    1 
ATOM   402 C  C5    . DT  B 1 8  ? 3.494   4.103   -2.043  1.00 23.77 ? 20  DT  B C5    1 
ATOM   403 C  C7    . DT  B 1 8  ? 2.876   5.095   -2.978  1.00 26.86 ? 20  DT  B C7    1 
ATOM   404 C  C6    . DT  B 1 8  ? 4.000   4.445   -0.848  1.00 23.56 ? 20  DT  B C6    1 
ATOM   405 P  P     . DC  B 1 9  ? 8.288   5.642   3.655   1.00 39.24 ? 21  DC  B P     1 
ATOM   406 O  OP1   . DC  B 1 9  ? 8.591   5.501   5.082   1.00 38.15 ? 21  DC  B OP1   1 
ATOM   407 O  OP2   . DC  B 1 9  ? 8.774   6.765   2.855   1.00 41.07 ? 21  DC  B OP2   1 
ATOM   408 O  "O5'" . DC  B 1 9  ? 8.764   4.302   2.954   1.00 32.98 ? 21  DC  B "O5'" 1 
ATOM   409 C  "C5'" . DC  B 1 9  ? 8.542   3.078   3.659   1.00 29.32 ? 21  DC  B "C5'" 1 
ATOM   410 C  "C4'" . DC  B 1 9  ? 9.085   1.967   2.798   1.00 29.99 ? 21  DC  B "C4'" 1 
ATOM   411 O  "O4'" . DC  B 1 9  ? 8.315   1.899   1.588   1.00 30.27 ? 21  DC  B "O4'" 1 
ATOM   412 C  "C3'" . DC  B 1 9  ? 10.521  2.233   2.373   1.00 28.80 ? 21  DC  B "C3'" 1 
ATOM   413 O  "O3'" . DC  B 1 9  ? 11.235  1.181   2.991   1.00 33.71 ? 21  DC  B "O3'" 1 
ATOM   414 C  "C2'" . DC  B 1 9  ? 10.517  2.125   0.855   1.00 28.20 ? 21  DC  B "C2'" 1 
ATOM   415 C  "C1'" . DC  B 1 9  ? 9.173   1.498   0.517   1.00 28.69 ? 21  DC  B "C1'" 1 
ATOM   416 N  N1    . DC  B 1 9  ? 8.531   1.946   -0.752  1.00 25.14 ? 21  DC  B N1    1 
ATOM   417 C  C2    . DC  B 1 9  ? 8.148   0.992   -1.729  1.00 21.19 ? 21  DC  B C2    1 
ATOM   418 O  O2    . DC  B 1 9  ? 8.447   -0.195  -1.549  1.00 27.17 ? 21  DC  B O2    1 
ATOM   419 N  N3    . DC  B 1 9  ? 7.445   1.403   -2.817  1.00 21.80 ? 21  DC  B N3    1 
ATOM   420 C  C4    . DC  B 1 9  ? 7.105   2.688   -2.944  1.00 19.71 ? 21  DC  B C4    1 
ATOM   421 N  N4    . DC  B 1 9  ? 6.382   3.044   -3.992  1.00 23.83 ? 21  DC  B N4    1 
ATOM   422 C  C5    . DC  B 1 9  ? 7.501   3.677   -1.980  1.00 21.29 ? 21  DC  B C5    1 
ATOM   423 C  C6    . DC  B 1 9  ? 8.196   3.264   -0.912  1.00 21.81 ? 21  DC  B C6    1 
ATOM   424 P  P     . DG  B 1 10 ? 12.810  1.248   3.103   1.00 31.88 ? 22  DG  B P     1 
ATOM   425 O  OP1   . DG  B 1 10 ? 13.219  0.360   4.186   1.00 38.71 ? 22  DG  B OP1   1 
ATOM   426 O  OP2   . DG  B 1 10 ? 13.285  2.620   2.946   1.00 35.90 ? 22  DG  B OP2   1 
ATOM   427 O  "O5'" . DG  B 1 10 ? 13.310  0.563   1.736   1.00 29.86 ? 22  DG  B "O5'" 1 
ATOM   428 C  "C5'" . DG  B 1 10 ? 13.125  -0.805  1.408   1.00 31.56 ? 22  DG  B "C5'" 1 
ATOM   429 C  "C4'" . DG  B 1 10 ? 13.514  -1.008  -0.041  1.00 29.85 ? 22  DG  B "C4'" 1 
ATOM   430 O  "O4'" . DG  B 1 10 ? 12.535  -0.404  -0.926  1.00 26.42 ? 22  DG  B "O4'" 1 
ATOM   431 C  "C3'" . DG  B 1 10 ? 14.852  -0.376  -0.418  1.00 26.69 ? 22  DG  B "C3'" 1 
ATOM   432 O  "O3'" . DG  B 1 10 ? 15.525  -1.296  -1.273  1.00 27.25 ? 22  DG  B "O3'" 1 
ATOM   433 C  "C2'" . DG  B 1 10 ? 14.453  0.849   -1.212  1.00 27.83 ? 22  DG  B "C2'" 1 
ATOM   434 C  "C1'" . DG  B 1 10 ? 13.277  0.263   -1.939  1.00 24.65 ? 22  DG  B "C1'" 1 
ATOM   435 N  N9    . DG  B 1 10 ? 12.390  1.219   -2.574  1.00 23.57 ? 22  DG  B N9    1 
ATOM   436 C  C8    . DG  B 1 10 ? 12.156  2.511   -2.166  1.00 22.99 ? 22  DG  B C8    1 
ATOM   437 N  N7    . DG  B 1 10 ? 11.303  3.147   -2.921  1.00 21.96 ? 22  DG  B N7    1 
ATOM   438 C  C5    . DG  B 1 10 ? 10.889  2.189   -3.852  1.00 20.13 ? 22  DG  B C5    1 
ATOM   439 C  C6    . DG  B 1 10 ? 9.945   2.276   -4.928  1.00 18.53 ? 22  DG  B C6    1 
ATOM   440 O  O6    . DG  B 1 10 ? 9.221   3.220   -5.246  1.00 20.30 ? 22  DG  B O6    1 
ATOM   441 N  N1    . DG  B 1 10 ? 9.830   1.060   -5.596  1.00 20.32 ? 22  DG  B N1    1 
ATOM   442 C  C2    . DG  B 1 10 ? 10.547  -0.074  -5.312  1.00 21.74 ? 22  DG  B C2    1 
ATOM   443 N  N2    . DG  B 1 10 ? 10.299  -1.139  -6.079  1.00 20.10 ? 22  DG  B N2    1 
ATOM   444 N  N3    . DG  B 1 10 ? 11.426  -0.170  -4.334  1.00 20.39 ? 22  DG  B N3    1 
ATOM   445 C  C4    . DG  B 1 10 ? 11.545  0.992   -3.642  1.00 20.95 ? 22  DG  B C4    1 
ATOM   446 P  P     . DC  B 1 11 ? 17.076  -1.464  -1.355  1.00 31.84 ? 23  DC  B P     1 
ATOM   447 O  OP1   . DC  B 1 11 ? 17.517  -2.290  -0.296  1.00 33.41 ? 23  DC  B OP1   1 
ATOM   448 O  OP2   . DC  B 1 11 ? 17.729  -0.239  -1.690  1.00 33.02 ? 23  DC  B OP2   1 
ATOM   449 O  "O5'" . DC  B 1 11 ? 17.238  -2.411  -2.617  1.00 28.98 ? 23  DC  B "O5'" 1 
ATOM   450 C  "C5'" . DC  B 1 11 ? 16.614  -3.679  -2.657  1.00 27.37 ? 23  DC  B "C5'" 1 
ATOM   451 C  "C4'" . DC  B 1 11 ? 16.016  -3.952  -4.021  1.00 27.43 ? 23  DC  B "C4'" 1 
ATOM   452 O  "O4'" . DC  B 1 11 ? 14.891  -3.085  -4.231  1.00 24.74 ? 23  DC  B "O4'" 1 
ATOM   453 C  "C3'" . DC  B 1 11 ? 16.940  -3.692  -5.202  1.00 28.94 ? 23  DC  B "C3'" 1 
ATOM   454 O  "O3'" . DC  B 1 11 ? 17.667  -4.825  -5.662  1.00 30.02 ? 23  DC  B "O3'" 1 
ATOM   455 C  "C2'" . DC  B 1 11 ? 15.969  -3.362  -6.306  1.00 28.96 ? 23  DC  B "C2'" 1 
ATOM   456 C  "C1'" . DC  B 1 11 ? 14.826  -2.703  -5.591  1.00 29.91 ? 23  DC  B "C1'" 1 
ATOM   457 N  N1    . DC  B 1 11 ? 14.714  -1.234  -5.666  1.00 21.32 ? 23  DC  B N1    1 
ATOM   458 C  C2    . DC  B 1 11 ? 13.868  -0.708  -6.624  1.00 21.85 ? 23  DC  B C2    1 
ATOM   459 O  O2    . DC  B 1 11 ? 13.343  -1.474  -7.421  1.00 23.34 ? 23  DC  B O2    1 
ATOM   460 N  N3    . DC  B 1 11 ? 13.660  0.621   -6.667  1.00 20.05 ? 23  DC  B N3    1 
ATOM   461 C  C4    . DC  B 1 11 ? 14.262  1.417   -5.785  1.00 18.43 ? 23  DC  B C4    1 
ATOM   462 N  N4    . DC  B 1 11 ? 14.005  2.719   -5.843  1.00 19.06 ? 23  DC  B N4    1 
ATOM   463 C  C5    . DC  B 1 11 ? 15.155  0.908   -4.807  1.00 19.38 ? 23  DC  B C5    1 
ATOM   464 C  C6    . DC  B 1 11 ? 15.340  -0.412  -4.773  1.00 20.09 ? 23  DC  B C6    1 
ATOM   465 P  P     . DG  B 1 12 ? 18.875  -4.568  -6.640  1.00 30.11 ? 24  DG  B P     1 
ATOM   466 O  OP1   . DG  B 1 12 ? 19.709  -5.759  -6.578  1.00 30.30 ? 24  DG  B OP1   1 
ATOM   467 O  OP2   . DG  B 1 12 ? 19.495  -3.262  -6.372  1.00 28.58 ? 24  DG  B OP2   1 
ATOM   468 O  "O5'" . DG  B 1 12 ? 18.320  -4.483  -8.151  1.00 25.92 ? 24  DG  B "O5'" 1 
ATOM   469 C  "C5'" . DG  B 1 12 ? 17.535  -5.494  -8.732  1.00 24.04 ? 24  DG  B "C5'" 1 
ATOM   470 C  "C4'" . DG  B 1 12 ? 16.838  -4.902  -9.944  1.00 23.94 ? 24  DG  B "C4'" 1 
ATOM   471 O  "O4'" . DG  B 1 12 ? 15.901  -3.884  -9.561  1.00 23.78 ? 24  DG  B "O4'" 1 
ATOM   472 C  "C3'" . DG  B 1 12 ? 17.759  -4.179  -10.909 1.00 24.30 ? 24  DG  B "C3'" 1 
ATOM   473 O  "O3'" . DG  B 1 12 ? 18.294  -5.170  -11.798 1.00 24.18 ? 24  DG  B "O3'" 1 
ATOM   474 C  "C2'" . DG  B 1 12 ? 16.786  -3.311  -11.693 1.00 26.03 ? 24  DG  B "C2'" 1 
ATOM   475 C  "C1'" . DG  B 1 12 ? 15.869  -2.856  -10.573 1.00 24.25 ? 24  DG  B "C1'" 1 
ATOM   476 N  N9    . DG  B 1 12 ? 16.220  -1.585  -9.940  1.00 20.31 ? 24  DG  B N9    1 
ATOM   477 C  C8    . DG  B 1 12 ? 17.054  -1.389  -8.860  1.00 20.15 ? 24  DG  B C8    1 
ATOM   478 N  N7    . DG  B 1 12 ? 17.047  -0.158  -8.427  1.00 20.41 ? 24  DG  B N7    1 
ATOM   479 C  C5    . DG  B 1 12 ? 16.103  0.478   -9.216  1.00 18.67 ? 24  DG  B C5    1 
ATOM   480 C  C6    . DG  B 1 12 ? 15.641  1.814   -9.201  1.00 18.37 ? 24  DG  B C6    1 
ATOM   481 O  O6    . DG  B 1 12 ? 15.970  2.739   -8.449  1.00 20.57 ? 24  DG  B O6    1 
ATOM   482 N  N1    . DG  B 1 12 ? 14.702  2.051   -10.200 1.00 18.59 ? 24  DG  B N1    1 
ATOM   483 C  C2    . DG  B 1 12 ? 14.253  1.115   -11.102 1.00 17.76 ? 24  DG  B C2    1 
ATOM   484 N  N2    . DG  B 1 12 ? 13.404  1.566   -12.031 1.00 18.87 ? 24  DG  B N2    1 
ATOM   485 N  N3    . DG  B 1 12 ? 14.697  -0.128  -11.146 1.00 17.32 ? 24  DG  B N3    1 
ATOM   486 C  C4    . DG  B 1 12 ? 15.579  -0.391  -10.154 1.00 16.90 ? 24  DG  B C4    1 
HETATM 487 MG MG    . MG  C 2 .  ? 9.951   7.267   -6.094  1.00 23.43 ? 101 MG  A MG    1 
HETATM 488 N  NBA   . 3EZ D 3 .  ? 11.559  -3.652  0.905   1.00 63.59 ? 101 3EZ B NBA   1 
HETATM 489 C  CAW   . 3EZ D 3 .  ? 12.187  -4.902  0.497   1.00 58.26 ? 101 3EZ B CAW   1 
HETATM 490 C  CAS   . 3EZ D 3 .  ? 13.552  -4.943  1.100   1.00 57.92 ? 101 3EZ B CAS   1 
HETATM 491 C  CAU   . 3EZ D 3 .  ? 13.503  -4.376  2.561   1.00 65.64 ? 101 3EZ B CAU   1 
HETATM 492 N  NAY   . 3EZ D 3 .  ? 12.165  -3.914  3.054   1.00 67.71 ? 101 3EZ B NAY   1 
HETATM 493 C  CBG   . 3EZ D 3 .  ? 11.240  -3.606  2.182   1.00 60.90 ? 101 3EZ B CBG   1 
HETATM 494 C  CBM   . 3EZ D 3 .  ? 9.930   -3.149  2.417   1.00 61.89 ? 101 3EZ B CBM   1 
HETATM 495 C  CAQ   . 3EZ D 3 .  ? 9.418   -2.352  3.456   1.00 51.28 ? 101 3EZ B CAQ   1 
HETATM 496 C  CAG   . 3EZ D 3 .  ? 9.102   -3.485  1.380   1.00 65.43 ? 101 3EZ B CAG   1 
HETATM 497 C  CAC   . 3EZ D 3 .  ? 7.806   -3.068  1.378   1.00 55.03 ? 101 3EZ B CAC   1 
HETATM 498 C  CAE   . 3EZ D 3 .  ? 7.391   -2.335  2.432   1.00 44.68 ? 101 3EZ B CAE   1 
HETATM 499 C  CBI   . 3EZ D 3 .  ? 8.106   -1.946  3.495   1.00 43.14 ? 101 3EZ B CBI   1 
HETATM 500 N  NBC   . 3EZ D 3 .  ? 7.505   -1.142  4.400   1.00 36.37 ? 101 3EZ B NBC   1 
HETATM 501 C  CBE   . 3EZ D 3 .  ? 6.552   -0.326  3.849   1.00 40.43 ? 101 3EZ B CBE   1 
HETATM 502 O  OAA   . 3EZ D 3 .  ? 6.175   -0.439  2.698   1.00 41.54 ? 101 3EZ B OAA   1 
HETATM 503 C  CBK   . 3EZ D 3 .  ? 5.813   0.655   4.545   1.00 36.39 ? 101 3EZ B CBK   1 
HETATM 504 C  CAJ   . 3EZ D 3 .  ? 5.958   1.395   5.712   1.00 35.52 ? 101 3EZ B CAJ   1 
HETATM 505 C  CAN   . 3EZ D 3 .  ? 4.942   2.348   6.024   1.00 37.76 ? 101 3EZ B CAN   1 
HETATM 506 C  CAI   . 3EZ D 3 .  ? 4.724   0.926   3.810   1.00 38.96 ? 101 3EZ B CAI   1 
HETATM 507 C  CAM   . 3EZ D 3 .  ? 3.788   1.778   4.099   1.00 34.01 ? 101 3EZ B CAM   1 
HETATM 508 C  CBO   . 3EZ D 3 .  ? 3.847   2.506   5.183   1.00 35.43 ? 101 3EZ B CBO   1 
HETATM 509 C  CBP   . 3EZ D 3 .  ? 2.703   3.300   5.152   1.00 38.73 ? 101 3EZ B CBP   1 
HETATM 510 C  CAP   . 3EZ D 3 .  ? 2.426   4.471   5.801   1.00 35.58 ? 101 3EZ B CAP   1 
HETATM 511 C  CAL   . 3EZ D 3 .  ? 1.194   5.068   5.518   1.00 42.67 ? 101 3EZ B CAL   1 
HETATM 512 C  CAO   . 3EZ D 3 .  ? 1.757   2.829   4.265   1.00 36.97 ? 101 3EZ B CAO   1 
HETATM 513 C  CAK   . 3EZ D 3 .  ? 0.547   3.399   3.982   1.00 41.06 ? 101 3EZ B CAK   1 
HETATM 514 C  CBL   . 3EZ D 3 .  ? 0.264   4.530   4.628   1.00 42.31 ? 101 3EZ B CBL   1 
HETATM 515 C  CBF   . 3EZ D 3 .  ? -0.912  5.172   4.406   1.00 48.40 ? 101 3EZ B CBF   1 
HETATM 516 O  OAB   . 3EZ D 3 .  ? -0.988  6.286   4.879   1.00 62.82 ? 101 3EZ B OAB   1 
HETATM 517 N  NBD   . 3EZ D 3 .  ? -1.912  4.567   3.733   1.00 51.65 ? 101 3EZ B NBD   1 
HETATM 518 C  CBJ   . 3EZ D 3 .  ? -3.019  5.295   3.530   1.00 46.92 ? 101 3EZ B CBJ   1 
HETATM 519 C  CAR   . 3EZ D 3 .  ? -4.200  4.788   3.019   1.00 47.64 ? 101 3EZ B CAR   1 
HETATM 520 C  CAF   . 3EZ D 3 .  ? -2.974  6.650   3.786   1.00 46.89 ? 101 3EZ B CAF   1 
HETATM 521 C  CAD   . 3EZ D 3 .  ? -4.047  7.488   3.603   1.00 47.20 ? 101 3EZ B CAD   1 
HETATM 522 C  CAH   . 3EZ D 3 .  ? -5.211  6.963   3.118   1.00 45.78 ? 101 3EZ B CAH   1 
HETATM 523 C  CBN   . 3EZ D 3 .  ? -5.281  5.636   2.831   1.00 38.85 ? 101 3EZ B CBN   1 
HETATM 524 C  CBH   . 3EZ D 3 .  ? -6.498  5.235   2.316   1.00 48.88 ? 101 3EZ B CBH   1 
HETATM 525 N  NAZ   . 3EZ D 3 .  ? -6.887  3.974   2.106   1.00 32.58 ? 101 3EZ B NAZ   1 
HETATM 526 C  CAV   . 3EZ D 3 .  ? -8.128  3.637   1.401   1.00 42.23 ? 101 3EZ B CAV   1 
HETATM 527 C  CAT   . 3EZ D 3 .  ? -9.157  4.741   1.290   1.00 39.98 ? 101 3EZ B CAT   1 
HETATM 528 C  CAX   . 3EZ D 3 .  ? -8.696  6.045   1.952   1.00 53.77 ? 101 3EZ B CAX   1 
HETATM 529 N  NBB   . 3EZ D 3 .  ? -7.247  6.277   1.924   1.00 54.33 ? 101 3EZ B NBB   1 
HETATM 530 O  O     . HOH E 4 .  ? 6.584   6.737   -11.665 1.00 28.87 ? 201 HOH A O     1 
HETATM 531 O  O     . HOH E 4 .  ? 11.350  5.893   -6.251  1.00 21.12 ? 202 HOH A O     1 
HETATM 532 O  O     . HOH E 4 .  ? 9.242   6.778   -8.024  1.00 23.61 ? 203 HOH A O     1 
HETATM 533 O  O     . HOH E 4 .  ? 7.604   -8.038  7.381   1.00 22.59 ? 204 HOH A O     1 
HETATM 534 O  O     . HOH E 4 .  ? 1.620   -6.100  5.992   1.00 23.88 ? 205 HOH A O     1 
HETATM 535 O  O     . HOH E 4 .  ? 4.193   -9.161  4.841   1.00 22.65 ? 206 HOH A O     1 
HETATM 536 O  O     . HOH E 4 .  ? 8.629   -5.115  -4.842  1.00 32.68 ? 207 HOH A O     1 
HETATM 537 O  O     . HOH E 4 .  ? 7.020   -9.680  4.002   1.00 25.66 ? 208 HOH A O     1 
HETATM 538 O  O     . HOH E 4 .  ? 4.620   -11.231 2.919   1.00 21.97 ? 209 HOH A O     1 
HETATM 539 O  O     . HOH E 4 .  ? 3.019   -1.652  -16.771 1.00 45.24 ? 210 HOH A O     1 
HETATM 540 O  O     . HOH E 4 .  ? -20.010 4.917   4.354   1.00 35.47 ? 211 HOH A O     1 
HETATM 541 O  O     . HOH E 4 .  ? 15.024  10.561  -11.795 1.00 27.08 ? 212 HOH A O     1 
HETATM 542 O  O     . HOH E 4 .  ? 1.722   -9.121  3.721   1.00 29.71 ? 213 HOH A O     1 
HETATM 543 O  O     . HOH E 4 .  ? 4.674   6.954   -6.209  1.00 32.66 ? 214 HOH A O     1 
HETATM 544 O  O     . HOH E 4 .  ? 9.124   -8.445  5.116   1.00 24.80 ? 215 HOH A O     1 
HETATM 545 O  O     . HOH E 4 .  ? -3.771  -5.435  3.811   1.00 29.42 ? 216 HOH A O     1 
HETATM 546 O  O     . HOH E 4 .  ? -4.781  -2.986  8.466   1.00 27.16 ? 217 HOH A O     1 
HETATM 547 O  O     . HOH E 4 .  ? -0.993  -4.057  -3.511  1.00 35.06 ? 218 HOH A O     1 
HETATM 548 O  O     . HOH E 4 .  ? 5.060   4.860   -8.063  1.00 35.47 ? 219 HOH A O     1 
HETATM 549 O  O     . HOH E 4 .  ? 2.548   -8.267  1.303   1.00 30.89 ? 220 HOH A O     1 
HETATM 550 O  O     . HOH E 4 .  ? 13.995  6.554   -5.395  1.00 28.47 ? 221 HOH A O     1 
HETATM 551 O  O     . HOH E 4 .  ? -2.102  -5.654  0.013   1.00 33.18 ? 222 HOH A O     1 
HETATM 552 O  O     . HOH E 4 .  ? -11.123 9.128   3.035   1.00 46.34 ? 223 HOH A O     1 
HETATM 553 O  O     . HOH F 4 .  ? -15.420 -11.829 3.861   1.00 25.89 ? 201 HOH B O     1 
HETATM 554 O  O     . HOH F 4 .  ? 8.802   5.894   -5.084  1.00 23.31 ? 202 HOH B O     1 
HETATM 555 O  O     . HOH F 4 .  ? 10.879  5.824   -2.252  1.00 29.07 ? 203 HOH B O     1 
HETATM 556 O  O     . HOH F 4 .  ? 6.172   5.939   -4.278  1.00 27.00 ? 204 HOH B O     1 
HETATM 557 O  O     . HOH F 4 .  ? -9.955  -3.892  10.864  1.00 34.10 ? 205 HOH B O     1 
HETATM 558 O  O     . HOH F 4 .  ? -7.172  -6.311  8.178   1.00 37.24 ? 206 HOH B O     1 
HETATM 559 O  O     . HOH F 4 .  ? -4.275  -0.574  -4.410  1.00 42.68 ? 207 HOH B O     1 
# 
loop_
_pdbx_poly_seq_scheme.asym_id 
_pdbx_poly_seq_scheme.entity_id 
_pdbx_poly_seq_scheme.seq_id 
_pdbx_poly_seq_scheme.mon_id 
_pdbx_poly_seq_scheme.ndb_seq_num 
_pdbx_poly_seq_scheme.pdb_seq_num 
_pdbx_poly_seq_scheme.auth_seq_num 
_pdbx_poly_seq_scheme.pdb_mon_id 
_pdbx_poly_seq_scheme.auth_mon_id 
_pdbx_poly_seq_scheme.pdb_strand_id 
_pdbx_poly_seq_scheme.pdb_ins_code 
_pdbx_poly_seq_scheme.hetero 
A 1 1  DC 1  1  1  DC DC A . n 
A 1 2  DG 2  2  2  DG DG A . n 
A 1 3  DC 3  3  3  DC DC A . n 
A 1 4  DG 4  4  4  DG DG A . n 
A 1 5  DA 5  5  5  DA DA A . n 
A 1 6  DA 6  6  6  DA DA A . n 
A 1 7  DT 7  7  7  DT DT A . n 
A 1 8  DT 8  8  8  DT DT A . n 
A 1 9  DC 9  9  9  DC DC A . n 
A 1 10 DG 10 10 10 DG DG A . n 
A 1 11 DC 11 11 11 DC DC A . n 
A 1 12 DG 12 12 12 DG DG A . n 
B 1 1  DC 1  13 13 DC DC B . n 
B 1 2  DG 2  14 14 DG DG B . n 
B 1 3  DC 3  15 15 DC DC B . n 
B 1 4  DG 4  16 16 DG DG B . n 
B 1 5  DA 5  17 17 DA DA B . n 
B 1 6  DA 6  18 18 DA DA B . n 
B 1 7  DT 7  19 19 DT DT B . n 
B 1 8  DT 8  20 20 DT DT B . n 
B 1 9  DC 9  21 21 DC DC B . n 
B 1 10 DG 10 22 22 DG DG B . n 
B 1 11 DC 11 23 23 DC DC B . n 
B 1 12 DG 12 24 24 DG DG B . n 
# 
loop_
_pdbx_nonpoly_scheme.asym_id 
_pdbx_nonpoly_scheme.entity_id 
_pdbx_nonpoly_scheme.mon_id 
_pdbx_nonpoly_scheme.ndb_seq_num 
_pdbx_nonpoly_scheme.pdb_seq_num 
_pdbx_nonpoly_scheme.auth_seq_num 
_pdbx_nonpoly_scheme.pdb_mon_id 
_pdbx_nonpoly_scheme.auth_mon_id 
_pdbx_nonpoly_scheme.pdb_strand_id 
_pdbx_nonpoly_scheme.pdb_ins_code 
C 2 MG  1  101 1  MG  MG  A . 
D 3 3EZ 1  101 1  3EZ DRG B . 
E 4 HOH 1  201 14 HOH HOH A . 
E 4 HOH 2  202 23 HOH HOH A . 
E 4 HOH 3  203 8  HOH HOH A . 
E 4 HOH 4  204 2  HOH HOH A . 
E 4 HOH 5  205 1  HOH HOH A . 
E 4 HOH 6  206 10 HOH HOH A . 
E 4 HOH 7  207 30 HOH HOH A . 
E 4 HOH 8  208 24 HOH HOH A . 
E 4 HOH 9  209 25 HOH HOH A . 
E 4 HOH 10 210 13 HOH HOH A . 
E 4 HOH 11 211 17 HOH HOH A . 
E 4 HOH 12 212 6  HOH HOH A . 
E 4 HOH 13 213 11 HOH HOH A . 
E 4 HOH 14 214 26 HOH HOH A . 
E 4 HOH 15 215 5  HOH HOH A . 
E 4 HOH 16 216 12 HOH HOH A . 
E 4 HOH 17 217 16 HOH HOH A . 
E 4 HOH 18 218 18 HOH HOH A . 
E 4 HOH 19 219 19 HOH HOH A . 
E 4 HOH 20 220 20 HOH HOH A . 
E 4 HOH 21 221 22 HOH HOH A . 
E 4 HOH 22 222 27 HOH HOH A . 
E 4 HOH 23 223 28 HOH HOH A . 
F 4 HOH 1  201 3  HOH HOH B . 
F 4 HOH 2  202 21 HOH HOH B . 
F 4 HOH 3  203 4  HOH HOH B . 
F 4 HOH 4  204 9  HOH HOH B . 
F 4 HOH 5  205 7  HOH HOH B . 
F 4 HOH 6  206 15 HOH HOH B . 
F 4 HOH 7  207 29 HOH HOH B . 
# 
_pdbx_struct_assembly.id                   1 
_pdbx_struct_assembly.details              author_and_software_defined_assembly 
_pdbx_struct_assembly.method_details       PISA 
_pdbx_struct_assembly.oligomeric_details   dimeric 
_pdbx_struct_assembly.oligomeric_count     2 
# 
_pdbx_struct_assembly_gen.assembly_id       1 
_pdbx_struct_assembly_gen.oper_expression   1 
_pdbx_struct_assembly_gen.asym_id_list      A,B,C,D,E,F 
# 
loop_
_pdbx_struct_assembly_prop.biol_id 
_pdbx_struct_assembly_prop.type 
_pdbx_struct_assembly_prop.value 
_pdbx_struct_assembly_prop.details 
1 'ABSA (A^2)' 1560 ? 
1 MORE         -4   ? 
1 'SSA (A^2)'  4380 ? 
# 
_pdbx_struct_oper_list.id                   1 
_pdbx_struct_oper_list.type                 'identity operation' 
_pdbx_struct_oper_list.name                 1_555 
_pdbx_struct_oper_list.symmetry_operation   x,y,z 
_pdbx_struct_oper_list.matrix[1][1]         1.0000000000 
_pdbx_struct_oper_list.matrix[1][2]         0.0000000000 
_pdbx_struct_oper_list.matrix[1][3]         0.0000000000 
_pdbx_struct_oper_list.vector[1]            0.0000000000 
_pdbx_struct_oper_list.matrix[2][1]         0.0000000000 
_pdbx_struct_oper_list.matrix[2][2]         1.0000000000 
_pdbx_struct_oper_list.matrix[2][3]         0.0000000000 
_pdbx_struct_oper_list.vector[2]            0.0000000000 
_pdbx_struct_oper_list.matrix[3][1]         0.0000000000 
_pdbx_struct_oper_list.matrix[3][2]         0.0000000000 
_pdbx_struct_oper_list.matrix[3][3]         1.0000000000 
_pdbx_struct_oper_list.vector[3]            0.0000000000 
# 
loop_
_pdbx_struct_conn_angle.id 
_pdbx_struct_conn_angle.ptnr1_label_atom_id 
_pdbx_struct_conn_angle.ptnr1_label_alt_id 
_pdbx_struct_conn_angle.ptnr1_label_asym_id 
_pdbx_struct_conn_angle.ptnr1_label_comp_id 
_pdbx_struct_conn_angle.ptnr1_label_seq_id 
_pdbx_struct_conn_angle.ptnr1_auth_atom_id 
_pdbx_struct_conn_angle.ptnr1_auth_asym_id 
_pdbx_struct_conn_angle.ptnr1_auth_comp_id 
_pdbx_struct_conn_angle.ptnr1_auth_seq_id 
_pdbx_struct_conn_angle.ptnr1_PDB_ins_code 
_pdbx_struct_conn_angle.ptnr1_symmetry 
_pdbx_struct_conn_angle.ptnr2_label_atom_id 
_pdbx_struct_conn_angle.ptnr2_label_alt_id 
_pdbx_struct_conn_angle.ptnr2_label_asym_id 
_pdbx_struct_conn_angle.ptnr2_label_comp_id 
_pdbx_struct_conn_angle.ptnr2_label_seq_id 
_pdbx_struct_conn_angle.ptnr2_auth_atom_id 
_pdbx_struct_conn_angle.ptnr2_auth_asym_id 
_pdbx_struct_conn_angle.ptnr2_auth_comp_id 
_pdbx_struct_conn_angle.ptnr2_auth_seq_id 
_pdbx_struct_conn_angle.ptnr2_PDB_ins_code 
_pdbx_struct_conn_angle.ptnr2_symmetry 
_pdbx_struct_conn_angle.ptnr3_label_atom_id 
_pdbx_struct_conn_angle.ptnr3_label_alt_id 
_pdbx_struct_conn_angle.ptnr3_label_asym_id 
_pdbx_struct_conn_angle.ptnr3_label_comp_id 
_pdbx_struct_conn_angle.ptnr3_label_seq_id 
_pdbx_struct_conn_angle.ptnr3_auth_atom_id 
_pdbx_struct_conn_angle.ptnr3_auth_asym_id 
_pdbx_struct_conn_angle.ptnr3_auth_comp_id 
_pdbx_struct_conn_angle.ptnr3_auth_seq_id 
_pdbx_struct_conn_angle.ptnr3_PDB_ins_code 
_pdbx_struct_conn_angle.ptnr3_symmetry 
_pdbx_struct_conn_angle.value 
_pdbx_struct_conn_angle.value_esd 
1  O ? E HOH . ? A HOH 202 ? 1_555 MG ? C MG . ? A MG 101 ? 1_555 O ? E HOH . ? A HOH 203 ? 1_555 90.2  ? 
2  O ? E HOH . ? A HOH 202 ? 1_555 MG ? C MG . ? A MG 101 ? 1_555 O ? E HOH . ? A HOH 206 ? 3_655 93.1  ? 
3  O ? E HOH . ? A HOH 203 ? 1_555 MG ? C MG . ? A MG 101 ? 1_555 O ? E HOH . ? A HOH 206 ? 3_655 88.6  ? 
4  O ? E HOH . ? A HOH 202 ? 1_555 MG ? C MG . ? A MG 101 ? 1_555 O ? E HOH . ? A HOH 208 ? 3_655 173.5 ? 
5  O ? E HOH . ? A HOH 203 ? 1_555 MG ? C MG . ? A MG 101 ? 1_555 O ? E HOH . ? A HOH 208 ? 3_655 87.1  ? 
6  O ? E HOH . ? A HOH 206 ? 3_655 MG ? C MG . ? A MG 101 ? 1_555 O ? E HOH . ? A HOH 208 ? 3_655 92.8  ? 
7  O ? E HOH . ? A HOH 202 ? 1_555 MG ? C MG . ? A MG 101 ? 1_555 O ? E HOH . ? A HOH 209 ? 3_655 88.2  ? 
8  O ? E HOH . ? A HOH 203 ? 1_555 MG ? C MG . ? A MG 101 ? 1_555 O ? E HOH . ? A HOH 209 ? 3_655 175.6 ? 
9  O ? E HOH . ? A HOH 206 ? 3_655 MG ? C MG . ? A MG 101 ? 1_555 O ? E HOH . ? A HOH 209 ? 3_655 87.4  ? 
10 O ? E HOH . ? A HOH 208 ? 3_655 MG ? C MG . ? A MG 101 ? 1_555 O ? E HOH . ? A HOH 209 ? 3_655 94.9  ? 
11 O ? E HOH . ? A HOH 202 ? 1_555 MG ? C MG . ? A MG 101 ? 1_555 O ? F HOH . ? B HOH 202 ? 1_555 88.3  ? 
12 O ? E HOH . ? A HOH 203 ? 1_555 MG ? C MG . ? A MG 101 ? 1_555 O ? F HOH . ? B HOH 202 ? 1_555 96.1  ? 
13 O ? E HOH . ? A HOH 206 ? 3_655 MG ? C MG . ? A MG 101 ? 1_555 O ? F HOH . ? B HOH 202 ? 1_555 175.1 ? 
14 O ? E HOH . ? A HOH 208 ? 3_655 MG ? C MG . ? A MG 101 ? 1_555 O ? F HOH . ? B HOH 202 ? 1_555 86.1  ? 
15 O ? E HOH . ? A HOH 209 ? 3_655 MG ? C MG . ? A MG 101 ? 1_555 O ? F HOH . ? B HOH 202 ? 1_555 87.9  ? 
# 
loop_
_pdbx_audit_revision_history.ordinal 
_pdbx_audit_revision_history.data_content_type 
_pdbx_audit_revision_history.major_revision 
_pdbx_audit_revision_history.minor_revision 
_pdbx_audit_revision_history.revision_date 
1 'Structure model' 1 0 2015-02-04 
2 'Structure model' 1 1 2015-02-25 
3 'Structure model' 1 2 2017-09-13 
4 'Structure model' 1 3 2019-12-25 
5 'Structure model' 1 4 2023-09-27 
# 
_pdbx_audit_revision_details.ordinal             1 
_pdbx_audit_revision_details.revision_ordinal    1 
_pdbx_audit_revision_details.data_content_type   'Structure model' 
_pdbx_audit_revision_details.provider            repository 
_pdbx_audit_revision_details.type                'Initial release' 
_pdbx_audit_revision_details.description         ? 
_pdbx_audit_revision_details.details             ? 
# 
loop_
_pdbx_audit_revision_group.ordinal 
_pdbx_audit_revision_group.revision_ordinal 
_pdbx_audit_revision_group.data_content_type 
_pdbx_audit_revision_group.group 
1  2 'Structure model' 'Database references'        
2  3 'Structure model' 'Author supporting evidence' 
3  3 'Structure model' 'Database references'        
4  3 'Structure model' 'Derived calculations'       
5  3 'Structure model' Other                        
6  3 'Structure model' 'Source and taxonomy'        
7  3 'Structure model' 'Structure summary'          
8  4 'Structure model' 'Author supporting evidence' 
9  5 'Structure model' 'Data collection'            
10 5 'Structure model' 'Database references'        
11 5 'Structure model' 'Derived calculations'       
12 5 'Structure model' 'Refinement description'     
# 
loop_
_pdbx_audit_revision_category.ordinal 
_pdbx_audit_revision_category.revision_ordinal 
_pdbx_audit_revision_category.data_content_type 
_pdbx_audit_revision_category.category 
1  3 'Structure model' citation                      
2  3 'Structure model' pdbx_audit_support            
3  3 'Structure model' pdbx_database_status          
4  3 'Structure model' pdbx_entity_src_syn           
5  3 'Structure model' pdbx_struct_assembly          
6  3 'Structure model' pdbx_struct_assembly_gen      
7  3 'Structure model' pdbx_struct_assembly_prop     
8  3 'Structure model' pdbx_struct_oper_list         
9  3 'Structure model' struct_keywords               
10 4 'Structure model' pdbx_audit_support            
11 5 'Structure model' chem_comp_atom                
12 5 'Structure model' chem_comp_bond                
13 5 'Structure model' database_2                    
14 5 'Structure model' pdbx_initial_refinement_model 
15 5 'Structure model' pdbx_struct_conn_angle        
16 5 'Structure model' refine_hist                   
17 5 'Structure model' struct_conn                   
# 
loop_
_pdbx_audit_revision_item.ordinal 
_pdbx_audit_revision_item.revision_ordinal 
_pdbx_audit_revision_item.data_content_type 
_pdbx_audit_revision_item.item 
1  3 'Structure model' '_citation.journal_id_CSD'                    
2  3 'Structure model' '_pdbx_audit_support.funding_organization'    
3  3 'Structure model' '_pdbx_database_status.pdb_format_compatible' 
4  3 'Structure model' '_pdbx_entity_src_syn.pdbx_alt_source_flag'   
5  3 'Structure model' '_pdbx_struct_assembly.oligomeric_details'    
6  3 'Structure model' '_pdbx_struct_assembly_gen.asym_id_list'      
7  3 'Structure model' '_pdbx_struct_assembly_prop.type'             
8  3 'Structure model' '_pdbx_struct_assembly_prop.value'            
9  3 'Structure model' '_pdbx_struct_oper_list.symmetry_operation'   
10 3 'Structure model' '_struct_keywords.text'                       
11 4 'Structure model' '_pdbx_audit_support.funding_organization'    
12 5 'Structure model' '_database_2.pdbx_DOI'                        
13 5 'Structure model' '_database_2.pdbx_database_accession'         
14 5 'Structure model' '_pdbx_struct_conn_angle.ptnr1_auth_asym_id'  
15 5 'Structure model' '_pdbx_struct_conn_angle.ptnr1_auth_seq_id'   
16 5 'Structure model' '_pdbx_struct_conn_angle.ptnr1_label_asym_id' 
17 5 'Structure model' '_pdbx_struct_conn_angle.ptnr1_symmetry'      
18 5 'Structure model' '_pdbx_struct_conn_angle.ptnr3_auth_asym_id'  
19 5 'Structure model' '_pdbx_struct_conn_angle.ptnr3_auth_seq_id'   
20 5 'Structure model' '_pdbx_struct_conn_angle.ptnr3_label_asym_id' 
21 5 'Structure model' '_pdbx_struct_conn_angle.ptnr3_symmetry'      
22 5 'Structure model' '_pdbx_struct_conn_angle.value'               
23 5 'Structure model' '_refine_hist.pdbx_number_atoms_nucleic_acid' 
24 5 'Structure model' '_refine_hist.pdbx_number_atoms_protein'      
25 5 'Structure model' '_struct_conn.pdbx_dist_value'                
26 5 'Structure model' '_struct_conn.ptnr2_auth_asym_id'             
27 5 'Structure model' '_struct_conn.ptnr2_auth_seq_id'              
28 5 'Structure model' '_struct_conn.ptnr2_label_asym_id'            
29 5 'Structure model' '_struct_conn.ptnr2_symmetry'                 
# 
loop_
_software.citation_id 
_software.classification 
_software.compiler_name 
_software.compiler_version 
_software.contact_author 
_software.contact_author_email 
_software.date 
_software.description 
_software.dependencies 
_software.hardware 
_software.language 
_software.location 
_software.mods 
_software.name 
_software.os 
_software.os_version 
_software.type 
_software.version 
_software.pdbx_ordinal 
? 'data reduction'  ? ? ? ? ? ? ? ? ? ? ? HKL-3000    ? ? ? .        1 
? refinement        ? ? ? ? ? ? ? ? ? ? ? REFMAC      ? ? ? 5.6.0117 2 
? 'data extraction' ? ? ? ? ? ? ? ? ? ? ? PDB_EXTRACT ? ? ? 3.14     3 
# 
loop_
_pdbx_validate_rmsd_angle.id 
_pdbx_validate_rmsd_angle.PDB_model_num 
_pdbx_validate_rmsd_angle.auth_atom_id_1 
_pdbx_validate_rmsd_angle.auth_asym_id_1 
_pdbx_validate_rmsd_angle.auth_comp_id_1 
_pdbx_validate_rmsd_angle.auth_seq_id_1 
_pdbx_validate_rmsd_angle.PDB_ins_code_1 
_pdbx_validate_rmsd_angle.label_alt_id_1 
_pdbx_validate_rmsd_angle.auth_atom_id_2 
_pdbx_validate_rmsd_angle.auth_asym_id_2 
_pdbx_validate_rmsd_angle.auth_comp_id_2 
_pdbx_validate_rmsd_angle.auth_seq_id_2 
_pdbx_validate_rmsd_angle.PDB_ins_code_2 
_pdbx_validate_rmsd_angle.label_alt_id_2 
_pdbx_validate_rmsd_angle.auth_atom_id_3 
_pdbx_validate_rmsd_angle.auth_asym_id_3 
_pdbx_validate_rmsd_angle.auth_comp_id_3 
_pdbx_validate_rmsd_angle.auth_seq_id_3 
_pdbx_validate_rmsd_angle.PDB_ins_code_3 
_pdbx_validate_rmsd_angle.label_alt_id_3 
_pdbx_validate_rmsd_angle.angle_value 
_pdbx_validate_rmsd_angle.angle_target_value 
_pdbx_validate_rmsd_angle.angle_deviation 
_pdbx_validate_rmsd_angle.angle_standard_deviation 
_pdbx_validate_rmsd_angle.linker_flag 
1 1 "O5'" A DG 10 ? ? P     A DG 10 ? ? OP2 A DG 10 ? ? 96.12  105.70 -9.58 0.90 N 
2 1 "O5'" B DG 14 ? ? P     B DG 14 ? ? OP1 B DG 14 ? ? 99.90  105.70 -5.80 0.90 N 
3 1 "C3'" B DG 16 ? ? "O3'" B DG 16 ? ? P   B DA 17 ? ? 129.01 119.70 9.31  1.20 Y 
# 
loop_
_chem_comp_atom.comp_id 
_chem_comp_atom.atom_id 
_chem_comp_atom.type_symbol 
_chem_comp_atom.pdbx_aromatic_flag 
_chem_comp_atom.pdbx_stereo_config 
_chem_comp_atom.pdbx_ordinal 
3EZ NBA    N  N N 1   
3EZ CAW    C  N N 2   
3EZ CAS    C  N N 3   
3EZ CAU    C  N N 4   
3EZ NAY    N  N N 5   
3EZ CBG    C  N N 6   
3EZ CBM    C  Y N 7   
3EZ CAQ    C  Y N 8   
3EZ CAG    C  Y N 9   
3EZ CAC    C  Y N 10  
3EZ CAE    C  Y N 11  
3EZ CBI    C  Y N 12  
3EZ NBC    N  N N 13  
3EZ CBE    C  N N 14  
3EZ OAA    O  N N 15  
3EZ CBK    C  Y N 16  
3EZ CAJ    C  Y N 17  
3EZ CAN    C  Y N 18  
3EZ CAI    C  Y N 19  
3EZ CAM    C  Y N 20  
3EZ CBO    C  Y N 21  
3EZ CBP    C  Y N 22  
3EZ CAP    C  Y N 23  
3EZ CAL    C  Y N 24  
3EZ CAO    C  Y N 25  
3EZ CAK    C  Y N 26  
3EZ CBL    C  Y N 27  
3EZ CBF    C  N N 28  
3EZ OAB    O  N N 29  
3EZ NBD    N  N N 30  
3EZ CBJ    C  Y N 31  
3EZ CAR    C  Y N 32  
3EZ CAF    C  Y N 33  
3EZ CAD    C  Y N 34  
3EZ CAH    C  Y N 35  
3EZ CBN    C  Y N 36  
3EZ CBH    C  N N 37  
3EZ NAZ    N  N N 38  
3EZ CAV    C  N N 39  
3EZ CAT    C  N N 40  
3EZ CAX    C  N N 41  
3EZ NBB    N  N N 42  
3EZ H1     H  N N 43  
3EZ H2     H  N N 44  
3EZ H3     H  N N 45  
3EZ H4     H  N N 46  
3EZ H5     H  N N 47  
3EZ H6     H  N N 48  
3EZ H7     H  N N 49  
3EZ H8     H  N N 50  
3EZ H9     H  N N 51  
3EZ H10    H  N N 52  
3EZ H11    H  N N 53  
3EZ H12    H  N N 54  
3EZ H13    H  N N 55  
3EZ H14    H  N N 56  
3EZ H15    H  N N 57  
3EZ H16    H  N N 58  
3EZ H17    H  N N 59  
3EZ H18    H  N N 60  
3EZ H19    H  N N 61  
3EZ H20    H  N N 62  
3EZ H21    H  N N 63  
3EZ H22    H  N N 64  
3EZ H23    H  N N 65  
3EZ H24    H  N N 66  
3EZ H25    H  N N 67  
3EZ H26    H  N N 68  
3EZ H27    H  N N 69  
3EZ H28    H  N N 70  
3EZ H29    H  N N 71  
3EZ H30    H  N N 72  
3EZ H31    H  N N 73  
3EZ H32    H  N N 74  
DA  OP3    O  N N 75  
DA  P      P  N N 76  
DA  OP1    O  N N 77  
DA  OP2    O  N N 78  
DA  "O5'"  O  N N 79  
DA  "C5'"  C  N N 80  
DA  "C4'"  C  N R 81  
DA  "O4'"  O  N N 82  
DA  "C3'"  C  N S 83  
DA  "O3'"  O  N N 84  
DA  "C2'"  C  N N 85  
DA  "C1'"  C  N R 86  
DA  N9     N  Y N 87  
DA  C8     C  Y N 88  
DA  N7     N  Y N 89  
DA  C5     C  Y N 90  
DA  C6     C  Y N 91  
DA  N6     N  N N 92  
DA  N1     N  Y N 93  
DA  C2     C  Y N 94  
DA  N3     N  Y N 95  
DA  C4     C  Y N 96  
DA  HOP3   H  N N 97  
DA  HOP2   H  N N 98  
DA  "H5'"  H  N N 99  
DA  "H5''" H  N N 100 
DA  "H4'"  H  N N 101 
DA  "H3'"  H  N N 102 
DA  "HO3'" H  N N 103 
DA  "H2'"  H  N N 104 
DA  "H2''" H  N N 105 
DA  "H1'"  H  N N 106 
DA  H8     H  N N 107 
DA  H61    H  N N 108 
DA  H62    H  N N 109 
DA  H2     H  N N 110 
DC  OP3    O  N N 111 
DC  P      P  N N 112 
DC  OP1    O  N N 113 
DC  OP2    O  N N 114 
DC  "O5'"  O  N N 115 
DC  "C5'"  C  N N 116 
DC  "C4'"  C  N R 117 
DC  "O4'"  O  N N 118 
DC  "C3'"  C  N S 119 
DC  "O3'"  O  N N 120 
DC  "C2'"  C  N N 121 
DC  "C1'"  C  N R 122 
DC  N1     N  N N 123 
DC  C2     C  N N 124 
DC  O2     O  N N 125 
DC  N3     N  N N 126 
DC  C4     C  N N 127 
DC  N4     N  N N 128 
DC  C5     C  N N 129 
DC  C6     C  N N 130 
DC  HOP3   H  N N 131 
DC  HOP2   H  N N 132 
DC  "H5'"  H  N N 133 
DC  "H5''" H  N N 134 
DC  "H4'"  H  N N 135 
DC  "H3'"  H  N N 136 
DC  "HO3'" H  N N 137 
DC  "H2'"  H  N N 138 
DC  "H2''" H  N N 139 
DC  "H1'"  H  N N 140 
DC  H41    H  N N 141 
DC  H42    H  N N 142 
DC  H5     H  N N 143 
DC  H6     H  N N 144 
DG  OP3    O  N N 145 
DG  P      P  N N 146 
DG  OP1    O  N N 147 
DG  OP2    O  N N 148 
DG  "O5'"  O  N N 149 
DG  "C5'"  C  N N 150 
DG  "C4'"  C  N R 151 
DG  "O4'"  O  N N 152 
DG  "C3'"  C  N S 153 
DG  "O3'"  O  N N 154 
DG  "C2'"  C  N N 155 
DG  "C1'"  C  N R 156 
DG  N9     N  Y N 157 
DG  C8     C  Y N 158 
DG  N7     N  Y N 159 
DG  C5     C  Y N 160 
DG  C6     C  N N 161 
DG  O6     O  N N 162 
DG  N1     N  N N 163 
DG  C2     C  N N 164 
DG  N2     N  N N 165 
DG  N3     N  N N 166 
DG  C4     C  Y N 167 
DG  HOP3   H  N N 168 
DG  HOP2   H  N N 169 
DG  "H5'"  H  N N 170 
DG  "H5''" H  N N 171 
DG  "H4'"  H  N N 172 
DG  "H3'"  H  N N 173 
DG  "HO3'" H  N N 174 
DG  "H2'"  H  N N 175 
DG  "H2''" H  N N 176 
DG  "H1'"  H  N N 177 
DG  H8     H  N N 178 
DG  H1     H  N N 179 
DG  H21    H  N N 180 
DG  H22    H  N N 181 
DT  OP3    O  N N 182 
DT  P      P  N N 183 
DT  OP1    O  N N 184 
DT  OP2    O  N N 185 
DT  "O5'"  O  N N 186 
DT  "C5'"  C  N N 187 
DT  "C4'"  C  N R 188 
DT  "O4'"  O  N N 189 
DT  "C3'"  C  N S 190 
DT  "O3'"  O  N N 191 
DT  "C2'"  C  N N 192 
DT  "C1'"  C  N R 193 
DT  N1     N  N N 194 
DT  C2     C  N N 195 
DT  O2     O  N N 196 
DT  N3     N  N N 197 
DT  C4     C  N N 198 
DT  O4     O  N N 199 
DT  C5     C  N N 200 
DT  C7     C  N N 201 
DT  C6     C  N N 202 
DT  HOP3   H  N N 203 
DT  HOP2   H  N N 204 
DT  "H5'"  H  N N 205 
DT  "H5''" H  N N 206 
DT  "H4'"  H  N N 207 
DT  "H3'"  H  N N 208 
DT  "HO3'" H  N N 209 
DT  "H2'"  H  N N 210 
DT  "H2''" H  N N 211 
DT  "H1'"  H  N N 212 
DT  H3     H  N N 213 
DT  H71    H  N N 214 
DT  H72    H  N N 215 
DT  H73    H  N N 216 
DT  H6     H  N N 217 
HOH O      O  N N 218 
HOH H1     H  N N 219 
HOH H2     H  N N 220 
MG  MG     MG N N 221 
# 
loop_
_chem_comp_bond.comp_id 
_chem_comp_bond.atom_id_1 
_chem_comp_bond.atom_id_2 
_chem_comp_bond.value_order 
_chem_comp_bond.pdbx_aromatic_flag 
_chem_comp_bond.pdbx_stereo_config 
_chem_comp_bond.pdbx_ordinal 
3EZ CAS   CAU    sing N N 1   
3EZ CAS   CAW    sing N N 2   
3EZ CAU   NAY    sing N N 3   
3EZ CAW   NBA    sing N N 4   
3EZ NBA   CBG    sing N N 5   
3EZ NAY   CBG    doub N N 6   
3EZ CBG   CBM    sing N N 7   
3EZ CBM   CAG    doub Y N 8   
3EZ CBM   CAQ    sing Y N 9   
3EZ CAG   CAC    sing Y N 10  
3EZ CAQ   CBI    doub Y N 11  
3EZ CAC   CAE    doub Y N 12  
3EZ CBI   CAE    sing Y N 13  
3EZ CBI   NBC    sing N N 14  
3EZ NBC   CBE    sing N N 15  
3EZ OAA   CBE    doub N N 16  
3EZ CBE   CBK    sing N N 17  
3EZ CBK   CAJ    doub Y N 18  
3EZ CBK   CAI    sing Y N 19  
3EZ CAJ   CAN    sing Y N 20  
3EZ CAI   CAM    doub Y N 21  
3EZ CAN   CBO    doub Y N 22  
3EZ CAM   CBO    sing Y N 23  
3EZ CBO   CBP    sing N N 24  
3EZ CBP   CAO    doub Y N 25  
3EZ CBP   CAP    sing Y N 26  
3EZ CAO   CAK    sing Y N 27  
3EZ CAP   CAL    doub Y N 28  
3EZ CAK   CBL    doub Y N 29  
3EZ CAL   CBL    sing Y N 30  
3EZ CBL   CBF    sing N N 31  
3EZ CBF   OAB    doub N N 32  
3EZ CBF   NBD    sing N N 33  
3EZ NBD   CBJ    sing N N 34  
3EZ CBJ   CAF    doub Y N 35  
3EZ CBJ   CAR    sing Y N 36  
3EZ CAF   CAD    sing Y N 37  
3EZ CAR   CBN    doub Y N 38  
3EZ CAD   CAH    doub Y N 39  
3EZ CBN   CAH    sing Y N 40  
3EZ CBN   CBH    sing N N 41  
3EZ CBH   NAZ    doub N N 42  
3EZ CBH   NBB    sing N N 43  
3EZ NAZ   CAV    sing N N 44  
3EZ NBB   CAX    sing N N 45  
3EZ CAV   CAT    sing N N 46  
3EZ CAX   CAT    sing N N 47  
3EZ NBA   H1     sing N N 48  
3EZ CAW   H2     sing N N 49  
3EZ CAW   H3     sing N N 50  
3EZ CAS   H4     sing N N 51  
3EZ CAS   H5     sing N N 52  
3EZ CAU   H6     sing N N 53  
3EZ CAU   H7     sing N N 54  
3EZ CAQ   H8     sing N N 55  
3EZ CAG   H9     sing N N 56  
3EZ CAC   H10    sing N N 57  
3EZ CAE   H11    sing N N 58  
3EZ NBC   H12    sing N N 59  
3EZ CAJ   H13    sing N N 60  
3EZ CAN   H14    sing N N 61  
3EZ CAI   H15    sing N N 62  
3EZ CAM   H16    sing N N 63  
3EZ CAP   H17    sing N N 64  
3EZ CAL   H18    sing N N 65  
3EZ CAO   H19    sing N N 66  
3EZ CAK   H20    sing N N 67  
3EZ NBD   H21    sing N N 68  
3EZ CAR   H22    sing N N 69  
3EZ CAF   H23    sing N N 70  
3EZ CAD   H24    sing N N 71  
3EZ CAH   H25    sing N N 72  
3EZ CAV   H26    sing N N 73  
3EZ CAV   H27    sing N N 74  
3EZ CAT   H28    sing N N 75  
3EZ CAT   H29    sing N N 76  
3EZ CAX   H30    sing N N 77  
3EZ CAX   H31    sing N N 78  
3EZ NBB   H32    sing N N 79  
DA  OP3   P      sing N N 80  
DA  OP3   HOP3   sing N N 81  
DA  P     OP1    doub N N 82  
DA  P     OP2    sing N N 83  
DA  P     "O5'"  sing N N 84  
DA  OP2   HOP2   sing N N 85  
DA  "O5'" "C5'"  sing N N 86  
DA  "C5'" "C4'"  sing N N 87  
DA  "C5'" "H5'"  sing N N 88  
DA  "C5'" "H5''" sing N N 89  
DA  "C4'" "O4'"  sing N N 90  
DA  "C4'" "C3'"  sing N N 91  
DA  "C4'" "H4'"  sing N N 92  
DA  "O4'" "C1'"  sing N N 93  
DA  "C3'" "O3'"  sing N N 94  
DA  "C3'" "C2'"  sing N N 95  
DA  "C3'" "H3'"  sing N N 96  
DA  "O3'" "HO3'" sing N N 97  
DA  "C2'" "C1'"  sing N N 98  
DA  "C2'" "H2'"  sing N N 99  
DA  "C2'" "H2''" sing N N 100 
DA  "C1'" N9     sing N N 101 
DA  "C1'" "H1'"  sing N N 102 
DA  N9    C8     sing Y N 103 
DA  N9    C4     sing Y N 104 
DA  C8    N7     doub Y N 105 
DA  C8    H8     sing N N 106 
DA  N7    C5     sing Y N 107 
DA  C5    C6     sing Y N 108 
DA  C5    C4     doub Y N 109 
DA  C6    N6     sing N N 110 
DA  C6    N1     doub Y N 111 
DA  N6    H61    sing N N 112 
DA  N6    H62    sing N N 113 
DA  N1    C2     sing Y N 114 
DA  C2    N3     doub Y N 115 
DA  C2    H2     sing N N 116 
DA  N3    C4     sing Y N 117 
DC  OP3   P      sing N N 118 
DC  OP3   HOP3   sing N N 119 
DC  P     OP1    doub N N 120 
DC  P     OP2    sing N N 121 
DC  P     "O5'"  sing N N 122 
DC  OP2   HOP2   sing N N 123 
DC  "O5'" "C5'"  sing N N 124 
DC  "C5'" "C4'"  sing N N 125 
DC  "C5'" "H5'"  sing N N 126 
DC  "C5'" "H5''" sing N N 127 
DC  "C4'" "O4'"  sing N N 128 
DC  "C4'" "C3'"  sing N N 129 
DC  "C4'" "H4'"  sing N N 130 
DC  "O4'" "C1'"  sing N N 131 
DC  "C3'" "O3'"  sing N N 132 
DC  "C3'" "C2'"  sing N N 133 
DC  "C3'" "H3'"  sing N N 134 
DC  "O3'" "HO3'" sing N N 135 
DC  "C2'" "C1'"  sing N N 136 
DC  "C2'" "H2'"  sing N N 137 
DC  "C2'" "H2''" sing N N 138 
DC  "C1'" N1     sing N N 139 
DC  "C1'" "H1'"  sing N N 140 
DC  N1    C2     sing N N 141 
DC  N1    C6     sing N N 142 
DC  C2    O2     doub N N 143 
DC  C2    N3     sing N N 144 
DC  N3    C4     doub N N 145 
DC  C4    N4     sing N N 146 
DC  C4    C5     sing N N 147 
DC  N4    H41    sing N N 148 
DC  N4    H42    sing N N 149 
DC  C5    C6     doub N N 150 
DC  C5    H5     sing N N 151 
DC  C6    H6     sing N N 152 
DG  OP3   P      sing N N 153 
DG  OP3   HOP3   sing N N 154 
DG  P     OP1    doub N N 155 
DG  P     OP2    sing N N 156 
DG  P     "O5'"  sing N N 157 
DG  OP2   HOP2   sing N N 158 
DG  "O5'" "C5'"  sing N N 159 
DG  "C5'" "C4'"  sing N N 160 
DG  "C5'" "H5'"  sing N N 161 
DG  "C5'" "H5''" sing N N 162 
DG  "C4'" "O4'"  sing N N 163 
DG  "C4'" "C3'"  sing N N 164 
DG  "C4'" "H4'"  sing N N 165 
DG  "O4'" "C1'"  sing N N 166 
DG  "C3'" "O3'"  sing N N 167 
DG  "C3'" "C2'"  sing N N 168 
DG  "C3'" "H3'"  sing N N 169 
DG  "O3'" "HO3'" sing N N 170 
DG  "C2'" "C1'"  sing N N 171 
DG  "C2'" "H2'"  sing N N 172 
DG  "C2'" "H2''" sing N N 173 
DG  "C1'" N9     sing N N 174 
DG  "C1'" "H1'"  sing N N 175 
DG  N9    C8     sing Y N 176 
DG  N9    C4     sing Y N 177 
DG  C8    N7     doub Y N 178 
DG  C8    H8     sing N N 179 
DG  N7    C5     sing Y N 180 
DG  C5    C6     sing N N 181 
DG  C5    C4     doub Y N 182 
DG  C6    O6     doub N N 183 
DG  C6    N1     sing N N 184 
DG  N1    C2     sing N N 185 
DG  N1    H1     sing N N 186 
DG  C2    N2     sing N N 187 
DG  C2    N3     doub N N 188 
DG  N2    H21    sing N N 189 
DG  N2    H22    sing N N 190 
DG  N3    C4     sing N N 191 
DT  OP3   P      sing N N 192 
DT  OP3   HOP3   sing N N 193 
DT  P     OP1    doub N N 194 
DT  P     OP2    sing N N 195 
DT  P     "O5'"  sing N N 196 
DT  OP2   HOP2   sing N N 197 
DT  "O5'" "C5'"  sing N N 198 
DT  "C5'" "C4'"  sing N N 199 
DT  "C5'" "H5'"  sing N N 200 
DT  "C5'" "H5''" sing N N 201 
DT  "C4'" "O4'"  sing N N 202 
DT  "C4'" "C3'"  sing N N 203 
DT  "C4'" "H4'"  sing N N 204 
DT  "O4'" "C1'"  sing N N 205 
DT  "C3'" "O3'"  sing N N 206 
DT  "C3'" "C2'"  sing N N 207 
DT  "C3'" "H3'"  sing N N 208 
DT  "O3'" "HO3'" sing N N 209 
DT  "C2'" "C1'"  sing N N 210 
DT  "C2'" "H2'"  sing N N 211 
DT  "C2'" "H2''" sing N N 212 
DT  "C1'" N1     sing N N 213 
DT  "C1'" "H1'"  sing N N 214 
DT  N1    C2     sing N N 215 
DT  N1    C6     sing N N 216 
DT  C2    O2     doub N N 217 
DT  C2    N3     sing N N 218 
DT  N3    C4     sing N N 219 
DT  N3    H3     sing N N 220 
DT  C4    O4     doub N N 221 
DT  C4    C5     sing N N 222 
DT  C5    C7     sing N N 223 
DT  C5    C6     doub N N 224 
DT  C7    H71    sing N N 225 
DT  C7    H72    sing N N 226 
DT  C7    H73    sing N N 227 
DT  C6    H6     sing N N 228 
HOH O     H1     sing N N 229 
HOH O     H2     sing N N 230 
# 
_ndb_struct_conf_na.entry_id   4U8A 
_ndb_struct_conf_na.feature    'b-form double helix' 
# 
loop_
_ndb_struct_na_base_pair.model_number 
_ndb_struct_na_base_pair.i_label_asym_id 
_ndb_struct_na_base_pair.i_label_comp_id 
_ndb_struct_na_base_pair.i_label_seq_id 
_ndb_struct_na_base_pair.i_symmetry 
_ndb_struct_na_base_pair.j_label_asym_id 
_ndb_struct_na_base_pair.j_label_comp_id 
_ndb_struct_na_base_pair.j_label_seq_id 
_ndb_struct_na_base_pair.j_symmetry 
_ndb_struct_na_base_pair.shear 
_ndb_struct_na_base_pair.stretch 
_ndb_struct_na_base_pair.stagger 
_ndb_struct_na_base_pair.buckle 
_ndb_struct_na_base_pair.propeller 
_ndb_struct_na_base_pair.opening 
_ndb_struct_na_base_pair.pair_number 
_ndb_struct_na_base_pair.pair_name 
_ndb_struct_na_base_pair.i_auth_asym_id 
_ndb_struct_na_base_pair.i_auth_seq_id 
_ndb_struct_na_base_pair.i_PDB_ins_code 
_ndb_struct_na_base_pair.j_auth_asym_id 
_ndb_struct_na_base_pair.j_auth_seq_id 
_ndb_struct_na_base_pair.j_PDB_ins_code 
_ndb_struct_na_base_pair.hbond_type_28 
_ndb_struct_na_base_pair.hbond_type_12 
1 A DC 1  1_555 B DG 12 1_555 0.336  -0.136 0.043  4.483   -15.138 0.574  1  A_DC1:DG24_B  A 1  ? B 24 ? 19 1 
1 A DG 2  1_555 B DC 11 1_555 -0.269 -0.208 0.364  5.940   -11.888 -2.489 2  A_DG2:DC23_B  A 2  ? B 23 ? 19 1 
1 A DC 3  1_555 B DG 10 1_555 0.153  -0.113 0.135  -1.420  -5.774  0.624  3  A_DC3:DG22_B  A 3  ? B 22 ? 19 1 
1 A DG 4  1_555 B DC 9  1_555 -0.229 -0.076 -0.014 11.649  -10.455 0.200  4  A_DG4:DC21_B  A 4  ? B 21 ? 19 1 
1 A DA 5  1_555 B DT 8  1_555 0.079  0.005  -0.121 6.133   -17.550 2.206  5  A_DA5:DT20_B  A 5  ? B 20 ? 20 1 
1 A DA 6  1_555 B DT 7  1_555 0.067  -0.072 0.096  1.706   -16.228 4.357  6  A_DA6:DT19_B  A 6  ? B 19 ? 20 1 
1 A DT 7  1_555 B DA 6  1_555 -0.041 -0.155 0.077  0.188   -17.514 3.809  7  A_DT7:DA18_B  A 7  ? B 18 ? 20 1 
1 A DT 8  1_555 B DA 5  1_555 -0.126 -0.185 -0.064 -1.060  -12.642 1.639  8  A_DT8:DA17_B  A 8  ? B 17 ? 20 1 
1 A DC 9  1_555 B DG 4  1_555 0.179  -0.141 -0.029 -10.116 -10.658 -0.605 9  A_DC9:DG16_B  A 9  ? B 16 ? 19 1 
1 A DG 10 1_555 B DC 3  1_555 -0.048 -0.136 0.184  5.674   -8.488  1.558  10 A_DG10:DC15_B A 10 ? B 15 ? 19 1 
1 A DC 11 1_555 B DG 2  1_555 0.090  -0.178 0.239  3.622   -16.198 -3.131 11 A_DC11:DG14_B A 11 ? B 14 ? 19 1 
1 A DG 12 1_555 B DC 1  1_555 -0.138 -0.283 0.167  4.418   -6.074  -5.388 12 A_DG12:DC13_B A 12 ? B 13 ? 19 1 
# 
loop_
_ndb_struct_na_base_pair_step.model_number 
_ndb_struct_na_base_pair_step.i_label_asym_id_1 
_ndb_struct_na_base_pair_step.i_label_comp_id_1 
_ndb_struct_na_base_pair_step.i_label_seq_id_1 
_ndb_struct_na_base_pair_step.i_symmetry_1 
_ndb_struct_na_base_pair_step.j_label_asym_id_1 
_ndb_struct_na_base_pair_step.j_label_comp_id_1 
_ndb_struct_na_base_pair_step.j_label_seq_id_1 
_ndb_struct_na_base_pair_step.j_symmetry_1 
_ndb_struct_na_base_pair_step.i_label_asym_id_2 
_ndb_struct_na_base_pair_step.i_label_comp_id_2 
_ndb_struct_na_base_pair_step.i_label_seq_id_2 
_ndb_struct_na_base_pair_step.i_symmetry_2 
_ndb_struct_na_base_pair_step.j_label_asym_id_2 
_ndb_struct_na_base_pair_step.j_label_comp_id_2 
_ndb_struct_na_base_pair_step.j_label_seq_id_2 
_ndb_struct_na_base_pair_step.j_symmetry_2 
_ndb_struct_na_base_pair_step.shift 
_ndb_struct_na_base_pair_step.slide 
_ndb_struct_na_base_pair_step.rise 
_ndb_struct_na_base_pair_step.tilt 
_ndb_struct_na_base_pair_step.roll 
_ndb_struct_na_base_pair_step.twist 
_ndb_struct_na_base_pair_step.x_displacement 
_ndb_struct_na_base_pair_step.y_displacement 
_ndb_struct_na_base_pair_step.helical_rise 
_ndb_struct_na_base_pair_step.inclination 
_ndb_struct_na_base_pair_step.tip 
_ndb_struct_na_base_pair_step.helical_twist 
_ndb_struct_na_base_pair_step.step_number 
_ndb_struct_na_base_pair_step.step_name 
_ndb_struct_na_base_pair_step.i_auth_asym_id_1 
_ndb_struct_na_base_pair_step.i_auth_seq_id_1 
_ndb_struct_na_base_pair_step.i_PDB_ins_code_1 
_ndb_struct_na_base_pair_step.j_auth_asym_id_1 
_ndb_struct_na_base_pair_step.j_auth_seq_id_1 
_ndb_struct_na_base_pair_step.j_PDB_ins_code_1 
_ndb_struct_na_base_pair_step.i_auth_asym_id_2 
_ndb_struct_na_base_pair_step.i_auth_seq_id_2 
_ndb_struct_na_base_pair_step.i_PDB_ins_code_2 
_ndb_struct_na_base_pair_step.j_auth_asym_id_2 
_ndb_struct_na_base_pair_step.j_auth_seq_id_2 
_ndb_struct_na_base_pair_step.j_PDB_ins_code_2 
1 A DC 1  1_555 B DG 12 1_555 A DG 2  1_555 B DC 11 1_555 -0.148 0.040  3.246 -3.212 8.334  32.909 -1.254 -0.257 3.162 14.383  
5.544  34.067 1  AA_DC1DG2:DC23DG24_BB   A 1  ? B 24 ? A 2  ? B 23 ? 
1 A DG 2  1_555 B DC 11 1_555 A DC 3  1_555 B DG 10 1_555 0.658  0.631  3.531 2.803  -7.252 41.969 1.649  -0.603 3.416 -10.022 
-3.873 42.651 2  AA_DG2DC3:DG22DC23_BB   A 2  ? B 23 ? A 3  ? B 22 ? 
1 A DC 3  1_555 B DG 10 1_555 A DG 4  1_555 B DC 9  1_555 -0.273 0.800  3.090 2.087  9.952  26.359 -0.649 1.039  3.147 20.863  
-4.376 28.220 3  AA_DC3DG4:DC21DG22_BB   A 3  ? B 22 ? A 4  ? B 21 ? 
1 A DG 4  1_555 B DC 9  1_555 A DA 5  1_555 B DT 8  1_555 -0.166 0.020  3.389 0.427  3.691  38.915 -0.430 0.301  3.375 5.525   
-0.640 39.085 4  AA_DG4DA5:DT20DC21_BB   A 4  ? B 21 ? A 5  ? B 20 ? 
1 A DA 5  1_555 B DT 8  1_555 A DA 6  1_555 B DT 7  1_555 0.044  -0.379 3.283 -2.355 1.467  35.129 -0.844 -0.422 3.256 2.426   
3.894  35.235 5  AA_DA5DA6:DT19DT20_BB   A 5  ? B 20 ? A 6  ? B 19 ? 
1 A DA 6  1_555 B DT 7  1_555 A DT 7  1_555 B DA 6  1_555 0.078  -0.601 3.235 0.645  -0.188 32.339 -1.046 -0.027 3.239 -0.338  
-1.159 32.346 6  AA_DA6DT7:DA18DT19_BB   A 6  ? B 19 ? A 7  ? B 18 ? 
1 A DT 7  1_555 B DA 6  1_555 A DT 8  1_555 B DA 5  1_555 -0.084 -0.337 3.241 1.515  -1.176 35.163 -0.384 0.362  3.243 -1.946  
-2.506 35.213 7  AA_DT7DT8:DA17DA18_BB   A 7  ? B 18 ? A 8  ? B 17 ? 
1 A DT 8  1_555 B DA 5  1_555 A DC 9  1_555 B DG 4  1_555 -0.010 -0.141 3.484 1.797  -1.797 40.804 0.008  0.225  3.484 -2.574  
-2.575 40.879 8  AA_DT8DC9:DG16DA17_BB   A 8  ? B 17 ? A 9  ? B 16 ? 
1 A DC 9  1_555 B DG 4  1_555 A DG 10 1_555 B DC 3  1_555 0.560  0.908  3.058 -2.388 6.559  27.542 0.402  -1.670 3.128 13.503  
4.916  28.396 9  AA_DC9DG10:DC15DG16_BB  A 9  ? B 16 ? A 10 ? B 15 ? 
1 A DG 10 1_555 B DC 3  1_555 A DC 11 1_555 B DG 2  1_555 -1.199 0.595  3.399 -4.149 -8.962 41.389 1.765  1.216  3.306 -12.467 
5.772  42.501 10 AA_DG10DC11:DG14DC15_BB A 10 ? B 15 ? A 11 ? B 14 ? 
1 A DC 11 1_555 B DG 2  1_555 A DG 12 1_555 B DC 1  1_555 0.039  0.462  3.273 -0.204 5.840  36.206 -0.075 -0.091 3.305 9.322   
0.325  36.659 11 AA_DC11DG12:DC13DG14_BB A 11 ? B 14 ? A 12 ? B 13 ? 
# 
_pdbx_audit_support.funding_organization   
'National Institutes of Health/National Institute of General Medical Sciences (NIH/NIGMS)' 
_pdbx_audit_support.country                'United States' 
_pdbx_audit_support.grant_number           GM065307 
_pdbx_audit_support.ordinal                1 
# 
loop_
_pdbx_entity_nonpoly.entity_id 
_pdbx_entity_nonpoly.name 
_pdbx_entity_nonpoly.comp_id 
2 'MAGNESIUM ION'                                                                   MG  
3 "N,N'-bis[3-(1,4,5,6-tetrahydropyrimidin-2-yl)phenyl]biphenyl-4,4'-dicarboxamide" 3EZ 
4 water                                                                             HOH 
# 
_pdbx_initial_refinement_model.id               1 
_pdbx_initial_refinement_model.entity_id_list   ? 
_pdbx_initial_refinement_model.type             'experimental model' 
_pdbx_initial_refinement_model.source_name      PDB 
_pdbx_initial_refinement_model.accession_code   436D 
_pdbx_initial_refinement_model.details          ? 
# 
